data_3TSY
#
_entry.id   3TSY
#
_cell.length_a   117.554
_cell.length_b   117.554
_cell.length_c   243.777
_cell.angle_alpha   90.00
_cell.angle_beta   90.00
_cell.angle_gamma   90.00
#
_symmetry.space_group_name_H-M   'P 41 2 2'
#
_entity_poly.entity_id   1
_entity_poly.type   'polypeptide(L)'
_entity_poly.pdbx_seq_one_letter_code
;MGSSHHHHHHSSGLVPRGSHMARMAPQEQAVSQVMEKQSNNNNSDVIFRSKLPDIYIPNHLSLHDYIFQNISEFATKPCL
INGPTGHVYTYSDVHVISRQIAANFHKLGVNQNDVVMLLLPNCPEFVLSFLAASFRGATATAANPFFTPAEIAKQAKASN
TKLIITEARYVDKIKPLQNDDGVVIVCIDDNESVPIPEGCLRFTELTQSTTEASEVIDSVEISPDDVVALPYSSGTTGLP
KGVMLTHKGLVTSVAQQVDGENPNLYFHSDDVILCVLPMFHIYALNSIMLCGLRVGAAILIMPKFEINLLLELIQRCKVT
VAPMVPPIVLAIAKSSETEKYDLSSIRVVKSGAAPLGKELEDAVNAKFPNAKLGQGYGMTEAGPVLAMSLGFAKEPFPVK
SGACGTVVRNAEMKIVDPDTGDSLSRNQPGEICIRGHQIMKGYLNNPAATAETIDKDGWLHTGDIGLIDDDDELFIVDRL
KELIKYKGFQVAPAELEALLIGHPDITDVAVVAMKEEAAGEVPVAFVVKSKDSELSEDDVKQFVSKQVVFYKRINKVFFT
ESIPKAPSGKILRKDLRAKLANGLGSGMASVEEFRNAQRAKGPATILAIGTATPDHCVYQSDYADYYFKVTKSEHMTALK
KKFNRICDKSMIKKRYIHLTEEMLEEHPNIGAYMAPSLNIRQEIITAEVPKLGKEAALKALKEWGQPKSKITHLVFCTTS
GVEMPGADYKLANLLGLEPSVRRVMLYHQGCYAGGTVLRTAKDLAENNAGARVLVVCSEITVVTFRGPSEDALDSLVGQA
LFGDGSAAVIVGSDPDISIERPLFQLVSAAQTFIPNSAGAIAGNLREVGLTFHLWPNVPTLISENVEKCLTQAFDPLGIS
DWNSLFWIAHPGGPAILDAVEAKLNLDKKKLEATRHVLSEYGNMSSACVLFILDEMRKKSLKGERATTGEGLDWGVLFGF
GPGLTIETVVLHSIPMVTN
;
_entity_poly.pdbx_strand_id   A
#
# COMPACT_ATOMS: atom_id res chain seq x y z
N ASP A 45 -6.75 -20.12 50.73
CA ASP A 45 -7.69 -20.39 49.64
C ASP A 45 -7.05 -21.07 48.42
N VAL A 46 -7.09 -22.40 48.40
CA VAL A 46 -6.62 -23.19 47.25
C VAL A 46 -7.69 -23.17 46.15
N ILE A 47 -8.97 -23.33 46.55
CA ILE A 47 -10.10 -23.52 45.62
C ILE A 47 -11.15 -22.39 45.66
N PHE A 48 -11.60 -21.96 44.48
CA PHE A 48 -12.58 -20.88 44.37
C PHE A 48 -13.97 -21.34 43.91
N ARG A 49 -15.02 -20.69 44.43
CA ARG A 49 -16.40 -21.08 44.15
C ARG A 49 -17.23 -19.87 43.76
N SER A 50 -18.44 -20.11 43.25
CA SER A 50 -19.37 -19.02 42.98
C SER A 50 -19.96 -18.48 44.27
N LYS A 51 -20.49 -17.27 44.23
CA LYS A 51 -21.16 -16.63 45.36
C LYS A 51 -22.62 -17.05 45.40
N LEU A 52 -23.01 -17.97 44.52
CA LEU A 52 -24.36 -18.50 44.53
C LEU A 52 -24.29 -19.94 45.00
N PRO A 53 -25.35 -20.42 45.62
CA PRO A 53 -25.39 -21.80 46.13
C PRO A 53 -25.23 -22.80 45.01
N ASP A 54 -24.85 -24.03 45.33
CA ASP A 54 -25.00 -25.13 44.40
C ASP A 54 -26.50 -25.36 44.12
N ILE A 55 -26.86 -25.71 42.88
CA ILE A 55 -28.25 -26.02 42.58
C ILE A 55 -28.43 -27.50 42.23
N TYR A 56 -29.67 -27.94 42.04
CA TYR A 56 -29.88 -29.31 41.56
C TYR A 56 -29.74 -29.31 40.05
N ILE A 57 -28.85 -30.17 39.54
CA ILE A 57 -28.74 -30.34 38.10
C ILE A 57 -29.11 -31.76 37.66
N PRO A 58 -30.19 -31.89 36.85
CA PRO A 58 -30.65 -33.21 36.37
C PRO A 58 -29.89 -33.70 35.12
N ASN A 59 -28.56 -33.81 35.22
CA ASN A 59 -27.70 -34.15 34.08
C ASN A 59 -27.78 -35.60 33.61
N HIS A 60 -28.56 -36.39 34.34
CA HIS A 60 -28.92 -37.73 33.91
C HIS A 60 -29.83 -37.71 32.68
N LEU A 61 -30.52 -36.60 32.49
CA LEU A 61 -31.41 -36.39 31.34
C LEU A 61 -30.65 -36.14 30.05
N SER A 62 -31.30 -36.48 28.94
CA SER A 62 -30.81 -36.10 27.61
C SER A 62 -31.06 -34.62 27.41
N LEU A 63 -30.18 -33.97 26.64
CA LEU A 63 -30.25 -32.53 26.41
C LEU A 63 -31.63 -32.02 26.00
N HIS A 64 -32.25 -32.67 25.03
CA HIS A 64 -33.58 -32.27 24.58
C HIS A 64 -34.67 -32.48 25.63
N ASP A 65 -34.51 -33.48 26.49
CA ASP A 65 -35.50 -33.73 27.52
C ASP A 65 -35.42 -32.68 28.60
N TYR A 66 -34.22 -32.16 28.82
CA TYR A 66 -33.95 -31.08 29.78
C TYR A 66 -34.40 -29.70 29.27
N ILE A 67 -33.83 -29.28 28.14
CA ILE A 67 -34.19 -28.03 27.48
C ILE A 67 -35.72 -27.84 27.39
N PHE A 68 -36.40 -28.90 26.99
CA PHE A 68 -37.85 -28.90 26.84
C PHE A 68 -38.65 -29.42 28.03
N GLN A 69 -37.97 -29.67 29.15
CA GLN A 69 -38.62 -30.23 30.33
C GLN A 69 -39.89 -29.46 30.64
N ASN A 70 -39.78 -28.15 30.52
CA ASN A 70 -40.83 -27.22 30.87
C ASN A 70 -41.77 -26.72 29.78
N ILE A 71 -41.71 -27.35 28.62
CA ILE A 71 -42.31 -26.82 27.41
C ILE A 71 -43.84 -26.65 27.53
N SER A 72 -44.48 -27.45 28.37
CA SER A 72 -45.91 -27.28 28.56
C SER A 72 -46.30 -25.86 28.95
N GLU A 73 -45.39 -25.15 29.63
CA GLU A 73 -45.65 -23.77 30.09
C GLU A 73 -45.48 -22.79 28.95
N PHE A 74 -44.64 -23.17 27.99
CA PHE A 74 -44.27 -22.33 26.85
C PHE A 74 -44.87 -22.67 25.47
N ALA A 75 -45.67 -23.72 25.41
CA ALA A 75 -45.96 -24.41 24.14
C ALA A 75 -46.34 -23.57 22.93
N THR A 76 -47.21 -22.59 23.14
CA THR A 76 -47.75 -21.75 22.06
C THR A 76 -47.08 -20.38 21.90
N LYS A 77 -46.07 -20.10 22.72
CA LYS A 77 -45.39 -18.81 22.62
C LYS A 77 -44.25 -18.87 21.60
N PRO A 78 -43.84 -17.71 21.08
CA PRO A 78 -42.85 -17.77 20.00
C PRO A 78 -41.52 -18.29 20.51
N CYS A 79 -40.92 -19.24 19.76
CA CYS A 79 -39.62 -19.79 20.14
C CYS A 79 -38.48 -19.29 19.23
N LEU A 80 -38.62 -19.52 17.92
CA LEU A 80 -37.71 -18.96 16.92
C LEU A 80 -38.41 -17.91 16.07
N ILE A 81 -37.82 -16.72 15.99
CA ILE A 81 -38.29 -15.66 15.12
C ILE A 81 -37.22 -15.43 14.09
N ASN A 82 -37.54 -15.50 12.81
CA ASN A 82 -36.52 -15.21 11.83
C ASN A 82 -36.65 -13.73 11.49
N GLY A 83 -35.71 -12.95 12.01
CA GLY A 83 -35.88 -11.51 12.15
C GLY A 83 -36.24 -10.79 10.87
N PRO A 84 -35.42 -11.00 9.82
CA PRO A 84 -35.69 -10.29 8.57
C PRO A 84 -37.09 -10.55 8.00
N THR A 85 -37.54 -11.80 7.90
CA THR A 85 -38.84 -12.16 7.29
C THR A 85 -40.08 -12.21 8.19
N GLY A 86 -39.89 -12.31 9.50
CA GLY A 86 -41.03 -12.33 10.40
C GLY A 86 -41.64 -13.68 10.74
N HIS A 87 -41.15 -14.77 10.13
CA HIS A 87 -41.63 -16.13 10.42
C HIS A 87 -41.44 -16.50 11.89
N VAL A 88 -42.45 -17.10 12.50
CA VAL A 88 -42.33 -17.58 13.88
C VAL A 88 -42.61 -19.08 14.05
N TYR A 89 -41.64 -19.86 14.48
CA TYR A 89 -41.93 -21.19 15.01
C TYR A 89 -42.25 -21.03 16.49
N THR A 90 -43.20 -21.80 17.00
CA THR A 90 -43.50 -21.77 18.43
C THR A 90 -42.80 -22.93 19.11
N TYR A 91 -42.91 -23.00 20.44
CA TYR A 91 -42.21 -24.07 21.17
C TYR A 91 -42.70 -25.45 20.75
N SER A 92 -44.02 -25.59 20.64
CA SER A 92 -44.64 -26.80 20.12
C SER A 92 -44.10 -27.10 18.72
N ASP A 93 -44.09 -26.08 17.86
CA ASP A 93 -43.57 -26.25 16.50
C ASP A 93 -42.17 -26.87 16.52
N VAL A 94 -41.21 -26.16 17.13
CA VAL A 94 -39.82 -26.61 17.23
C VAL A 94 -39.68 -28.05 17.74
N HIS A 95 -40.41 -28.36 18.81
CA HIS A 95 -40.34 -29.71 19.39
C HIS A 95 -40.78 -30.78 18.36
N VAL A 96 -41.99 -30.60 17.84
CA VAL A 96 -42.58 -31.52 16.86
C VAL A 96 -41.71 -31.71 15.61
N ILE A 97 -41.36 -30.60 14.98
CA ILE A 97 -40.54 -30.64 13.77
C ILE A 97 -39.17 -31.27 14.02
N SER A 98 -38.49 -30.84 15.08
CA SER A 98 -37.17 -31.39 15.41
C SER A 98 -37.24 -32.92 15.57
N ARG A 99 -38.28 -33.40 16.23
CA ARG A 99 -38.49 -34.85 16.34
C ARG A 99 -38.70 -35.53 14.97
N GLN A 100 -39.54 -34.96 14.10
CA GLN A 100 -39.71 -35.55 12.78
C GLN A 100 -38.40 -35.57 12.01
N ILE A 101 -37.64 -34.47 12.07
CA ILE A 101 -36.33 -34.39 11.43
C ILE A 101 -35.36 -35.45 11.96
N ALA A 102 -35.38 -35.73 13.26
CA ALA A 102 -34.58 -36.85 13.79
C ALA A 102 -35.02 -38.15 13.11
N ALA A 103 -36.33 -38.38 13.11
CA ALA A 103 -36.92 -39.55 12.45
C ALA A 103 -36.42 -39.76 11.01
N ASN A 104 -36.36 -38.68 10.22
CA ASN A 104 -35.87 -38.79 8.84
C ASN A 104 -34.34 -38.75 8.72
N PHE A 105 -33.68 -38.33 9.80
CA PHE A 105 -32.23 -38.41 9.90
C PHE A 105 -31.94 -39.88 9.89
N HIS A 106 -32.82 -40.65 10.53
CA HIS A 106 -32.64 -42.09 10.50
C HIS A 106 -32.74 -42.65 9.09
N LYS A 107 -33.83 -42.30 8.40
CA LYS A 107 -34.07 -42.77 7.03
C LYS A 107 -32.88 -42.52 6.10
N LEU A 108 -32.16 -41.42 6.34
CA LEU A 108 -31.04 -41.05 5.49
C LEU A 108 -29.75 -41.77 5.88
N GLY A 109 -29.84 -42.64 6.88
CA GLY A 109 -28.73 -43.49 7.24
C GLY A 109 -27.94 -42.99 8.43
N VAL A 110 -28.43 -41.93 9.05
CA VAL A 110 -27.83 -41.41 10.28
C VAL A 110 -28.31 -42.27 11.45
N ASN A 111 -27.35 -42.82 12.18
CA ASN A 111 -27.61 -43.73 13.30
C ASN A 111 -27.04 -43.13 14.58
N GLN A 112 -27.44 -43.68 15.71
CA GLN A 112 -26.99 -43.13 16.97
C GLN A 112 -25.47 -42.94 16.93
N ASN A 113 -24.96 -41.85 17.44
CA ASN A 113 -23.51 -41.74 17.64
C ASN A 113 -22.66 -41.59 16.37
N ASP A 114 -23.29 -41.24 15.25
CA ASP A 114 -22.51 -40.82 14.07
C ASP A 114 -22.88 -39.35 13.82
N VAL A 115 -22.00 -38.64 13.13
CA VAL A 115 -22.00 -37.18 13.12
C VAL A 115 -22.74 -36.49 11.97
N VAL A 116 -23.38 -35.37 12.28
CA VAL A 116 -24.07 -34.53 11.30
C VAL A 116 -23.40 -33.16 11.29
N MET A 117 -23.25 -32.58 10.11
CA MET A 117 -22.56 -31.29 10.00
C MET A 117 -23.50 -30.17 9.58
N LEU A 118 -23.37 -29.01 10.22
CA LEU A 118 -24.17 -27.83 9.85
C LEU A 118 -23.33 -26.68 9.25
N LEU A 119 -23.45 -26.50 7.94
CA LEU A 119 -22.84 -25.36 7.28
C LEU A 119 -23.92 -24.36 7.00
N LEU A 120 -24.12 -23.42 7.90
CA LEU A 120 -25.13 -22.41 7.68
C LEU A 120 -24.90 -21.17 8.51
N PRO A 121 -25.46 -20.08 8.03
CA PRO A 121 -25.50 -18.81 8.77
C PRO A 121 -26.60 -18.97 9.80
N ASN A 122 -26.88 -17.94 10.59
CA ASN A 122 -27.96 -18.09 11.54
C ASN A 122 -29.30 -18.21 10.83
N CYS A 123 -30.10 -19.17 11.27
CA CYS A 123 -31.41 -19.44 10.68
C CYS A 123 -32.13 -20.46 11.53
N PRO A 124 -33.47 -20.49 11.46
CA PRO A 124 -34.26 -21.50 12.18
C PRO A 124 -33.76 -22.91 11.93
N GLU A 125 -33.50 -23.17 10.65
CA GLU A 125 -33.02 -24.46 10.21
C GLU A 125 -31.81 -24.97 11.03
N PHE A 126 -30.93 -24.06 11.45
CA PHE A 126 -29.79 -24.45 12.27
C PHE A 126 -30.24 -25.08 13.60
N VAL A 127 -31.15 -24.38 14.28
CA VAL A 127 -31.66 -24.82 15.58
C VAL A 127 -32.40 -26.14 15.45
N LEU A 128 -33.31 -26.21 14.48
CA LEU A 128 -34.07 -27.43 14.25
C LEU A 128 -33.14 -28.62 13.99
N SER A 129 -32.14 -28.43 13.14
CA SER A 129 -31.21 -29.52 12.84
C SER A 129 -30.40 -29.95 14.05
N PHE A 130 -29.87 -28.99 14.79
CA PHE A 130 -29.13 -29.34 16.00
C PHE A 130 -30.00 -30.18 16.96
N LEU A 131 -31.15 -29.62 17.36
CA LEU A 131 -32.06 -30.38 18.21
C LEU A 131 -32.35 -31.77 17.67
N ALA A 132 -32.59 -31.86 16.36
CA ALA A 132 -32.87 -33.13 15.68
C ALA A 132 -31.75 -34.14 15.89
N ALA A 133 -30.52 -33.66 15.68
CA ALA A 133 -29.34 -34.46 15.94
C ALA A 133 -29.37 -35.00 17.36
N SER A 134 -29.74 -34.14 18.30
CA SER A 134 -29.83 -34.60 19.69
C SER A 134 -30.98 -35.61 19.93
N PHE A 135 -32.10 -35.42 19.24
CA PHE A 135 -33.28 -36.27 19.44
C PHE A 135 -32.99 -37.67 18.94
N ARG A 136 -32.15 -37.73 17.90
CA ARG A 136 -31.74 -38.97 17.26
C ARG A 136 -30.70 -39.74 18.09
N GLY A 137 -29.99 -39.05 18.96
CA GLY A 137 -28.90 -39.65 19.72
C GLY A 137 -27.63 -39.41 18.94
N ALA A 138 -27.79 -38.80 17.78
CA ALA A 138 -26.69 -38.40 16.92
C ALA A 138 -25.92 -37.19 17.46
N THR A 139 -24.93 -36.74 16.70
CA THR A 139 -24.02 -35.68 17.13
C THR A 139 -23.94 -34.55 16.11
N ALA A 140 -23.84 -33.30 16.58
CA ALA A 140 -23.84 -32.16 15.67
C ALA A 140 -22.59 -31.27 15.72
N THR A 141 -21.94 -31.13 14.57
CA THR A 141 -20.82 -30.22 14.40
C THR A 141 -21.24 -29.11 13.46
N ALA A 142 -20.65 -27.94 13.62
CA ALA A 142 -20.91 -26.88 12.66
C ALA A 142 -19.62 -26.28 12.13
N ALA A 143 -19.73 -25.61 10.99
CA ALA A 143 -18.63 -24.89 10.40
C ALA A 143 -19.10 -23.56 9.82
N ASN A 144 -18.14 -22.67 9.58
CA ASN A 144 -18.43 -21.39 8.94
C ASN A 144 -18.67 -21.60 7.45
N PRO A 145 -19.86 -21.21 6.95
CA PRO A 145 -20.09 -21.28 5.50
C PRO A 145 -18.99 -20.53 4.72
N PHE A 146 -18.38 -19.53 5.35
CA PHE A 146 -17.38 -18.68 4.72
C PHE A 146 -15.96 -19.29 4.73
N PHE A 147 -15.86 -20.54 5.19
CA PHE A 147 -14.63 -21.32 5.07
C PHE A 147 -14.37 -21.70 3.62
N THR A 148 -13.34 -22.50 3.41
CA THR A 148 -12.94 -22.94 2.08
C THR A 148 -13.11 -24.46 1.95
N PRO A 149 -13.28 -24.95 0.71
CA PRO A 149 -13.46 -26.40 0.55
C PRO A 149 -12.39 -27.20 1.30
N ALA A 150 -11.23 -26.60 1.56
CA ALA A 150 -10.11 -27.25 2.25
C ALA A 150 -10.37 -27.40 3.75
N GLU A 151 -10.54 -26.28 4.45
CA GLU A 151 -10.93 -26.29 5.86
C GLU A 151 -12.14 -27.20 6.11
N ILE A 152 -13.19 -27.00 5.31
CA ILE A 152 -14.45 -27.76 5.46
C ILE A 152 -14.28 -29.25 5.20
N ALA A 153 -13.65 -29.61 4.09
CA ALA A 153 -13.39 -31.00 3.79
C ALA A 153 -12.59 -31.63 4.95
N LYS A 154 -11.56 -30.92 5.39
CA LYS A 154 -10.73 -31.38 6.51
C LYS A 154 -11.58 -31.70 7.75
N GLN A 155 -12.39 -30.74 8.19
CA GLN A 155 -13.25 -30.91 9.37
C GLN A 155 -14.28 -32.04 9.22
N ALA A 156 -14.87 -32.13 8.03
CA ALA A 156 -15.86 -33.14 7.72
C ALA A 156 -15.26 -34.54 7.77
N LYS A 157 -14.03 -34.69 7.27
CA LYS A 157 -13.34 -35.98 7.30
C LYS A 157 -12.89 -36.34 8.70
N ALA A 158 -12.24 -35.40 9.37
CA ALA A 158 -11.83 -35.57 10.75
C ALA A 158 -12.98 -36.08 11.61
N SER A 159 -14.17 -35.49 11.44
CA SER A 159 -15.31 -35.75 12.32
C SER A 159 -16.17 -36.95 11.93
N ASN A 160 -15.94 -37.51 10.74
CA ASN A 160 -16.77 -38.59 10.23
C ASN A 160 -18.21 -38.14 9.95
N THR A 161 -18.33 -36.96 9.33
CA THR A 161 -19.62 -36.43 8.92
C THR A 161 -20.29 -37.40 7.95
N LYS A 162 -21.49 -37.84 8.31
CA LYS A 162 -22.30 -38.68 7.42
C LYS A 162 -23.38 -37.89 6.68
N LEU A 163 -23.44 -36.58 6.94
CA LEU A 163 -24.44 -35.71 6.31
C LEU A 163 -24.23 -34.24 6.65
N ILE A 164 -24.76 -33.37 5.80
CA ILE A 164 -24.47 -31.94 5.83
C ILE A 164 -25.74 -31.14 5.57
N ILE A 165 -26.01 -30.15 6.41
CA ILE A 165 -27.11 -29.23 6.16
C ILE A 165 -26.54 -27.88 5.79
N THR A 166 -26.84 -27.40 4.59
CA THR A 166 -26.25 -26.17 4.09
C THR A 166 -27.24 -25.42 3.23
N GLU A 167 -26.85 -24.25 2.75
CA GLU A 167 -27.61 -23.54 1.74
C GLU A 167 -27.19 -24.01 0.34
N ALA A 168 -27.86 -23.52 -0.70
CA ALA A 168 -27.57 -23.98 -2.05
C ALA A 168 -26.23 -23.44 -2.54
N ARG A 169 -25.92 -22.19 -2.21
CA ARG A 169 -24.75 -21.49 -2.73
C ARG A 169 -23.40 -22.08 -2.30
N TYR A 170 -23.43 -22.89 -1.25
CA TYR A 170 -22.20 -23.49 -0.73
C TYR A 170 -21.95 -24.93 -1.23
N VAL A 171 -22.87 -25.47 -2.02
CA VAL A 171 -22.83 -26.88 -2.38
C VAL A 171 -21.57 -27.30 -3.15
N ASP A 172 -20.96 -26.37 -3.89
CA ASP A 172 -19.79 -26.72 -4.69
C ASP A 172 -18.53 -26.94 -3.84
N LYS A 173 -18.50 -26.33 -2.65
CA LYS A 173 -17.37 -26.48 -1.73
C LYS A 173 -17.34 -27.91 -1.19
N ILE A 174 -18.53 -28.49 -1.04
CA ILE A 174 -18.67 -29.87 -0.59
C ILE A 174 -18.91 -30.93 -1.68
N LYS A 175 -18.88 -30.53 -2.95
CA LYS A 175 -19.06 -31.48 -4.06
C LYS A 175 -18.22 -32.76 -3.88
N PRO A 176 -16.91 -32.61 -3.59
CA PRO A 176 -16.14 -33.85 -3.44
C PRO A 176 -16.80 -34.86 -2.49
N LEU A 177 -17.22 -34.37 -1.32
CA LEU A 177 -17.72 -35.25 -0.25
C LEU A 177 -19.09 -35.83 -0.57
N GLN A 178 -19.81 -35.17 -1.48
CA GLN A 178 -21.09 -35.68 -1.95
C GLN A 178 -20.87 -36.80 -2.95
N ASN A 179 -19.95 -36.59 -3.87
CA ASN A 179 -19.71 -37.54 -4.96
C ASN A 179 -18.92 -38.80 -4.58
N ASP A 180 -17.62 -38.64 -4.30
CA ASP A 180 -16.76 -39.78 -3.96
C ASP A 180 -16.81 -40.30 -2.51
N ASP A 181 -17.21 -39.45 -1.57
CA ASP A 181 -17.32 -39.85 -0.16
C ASP A 181 -18.74 -40.23 0.31
N GLY A 182 -19.74 -40.06 -0.55
CA GLY A 182 -21.10 -40.52 -0.29
C GLY A 182 -21.90 -39.78 0.78
N VAL A 183 -21.48 -38.56 1.10
CA VAL A 183 -22.13 -37.74 2.13
C VAL A 183 -23.44 -37.17 1.61
N VAL A 184 -24.51 -37.36 2.37
CA VAL A 184 -25.83 -36.89 1.96
C VAL A 184 -25.93 -35.35 2.09
N ILE A 185 -26.49 -34.68 1.09
CA ILE A 185 -26.59 -33.21 1.16
C ILE A 185 -28.02 -32.68 1.24
N VAL A 186 -28.23 -31.66 2.08
CA VAL A 186 -29.55 -31.07 2.28
C VAL A 186 -29.53 -29.55 2.16
N CYS A 187 -30.36 -29.00 1.27
CA CYS A 187 -30.44 -27.55 1.09
C CYS A 187 -31.69 -26.94 1.74
N ILE A 188 -31.48 -25.86 2.48
CA ILE A 188 -32.53 -25.21 3.21
C ILE A 188 -33.39 -24.25 2.37
N ASP A 189 -32.99 -24.07 1.11
CA ASP A 189 -33.71 -23.21 0.17
C ASP A 189 -35.13 -23.71 -0.04
N ASP A 190 -36.10 -22.82 0.20
CA ASP A 190 -37.52 -23.14 0.11
C ASP A 190 -38.21 -22.73 -1.20
N ASN A 191 -37.45 -22.23 -2.17
CA ASN A 191 -38.05 -21.74 -3.40
C ASN A 191 -38.16 -22.86 -4.42
N GLU A 192 -39.39 -23.31 -4.66
CA GLU A 192 -39.66 -24.58 -5.34
C GLU A 192 -39.51 -24.49 -6.85
N SER A 193 -39.48 -23.24 -7.33
CA SER A 193 -39.36 -22.96 -8.76
C SER A 193 -37.91 -22.74 -9.17
N VAL A 194 -37.02 -22.67 -8.18
CA VAL A 194 -35.60 -22.61 -8.43
C VAL A 194 -34.96 -23.90 -7.93
N PRO A 195 -34.44 -24.71 -8.86
CA PRO A 195 -33.87 -26.02 -8.54
C PRO A 195 -32.61 -25.92 -7.70
N ILE A 196 -32.24 -27.03 -7.08
CA ILE A 196 -31.03 -27.12 -6.29
C ILE A 196 -30.11 -28.15 -6.94
N PRO A 197 -28.78 -28.02 -6.73
CA PRO A 197 -27.82 -28.91 -7.40
C PRO A 197 -28.25 -30.36 -7.25
N GLU A 198 -28.07 -31.16 -8.29
CA GLU A 198 -28.60 -32.50 -8.28
C GLU A 198 -27.95 -33.38 -7.23
N GLY A 199 -28.73 -34.31 -6.68
CA GLY A 199 -28.26 -35.20 -5.64
C GLY A 199 -28.45 -34.57 -4.28
N CYS A 200 -29.16 -33.44 -4.26
CA CYS A 200 -29.42 -32.69 -3.03
C CYS A 200 -30.89 -32.80 -2.65
N LEU A 201 -31.15 -32.86 -1.34
CA LEU A 201 -32.52 -32.90 -0.83
C LEU A 201 -32.98 -31.55 -0.32
N ARG A 202 -34.26 -31.26 -0.53
CA ARG A 202 -34.89 -30.09 0.07
C ARG A 202 -35.00 -30.32 1.58
N PHE A 203 -34.68 -29.31 2.36
CA PHE A 203 -34.82 -29.42 3.80
C PHE A 203 -36.26 -29.77 4.15
N THR A 204 -37.18 -29.35 3.30
CA THR A 204 -38.61 -29.58 3.54
C THR A 204 -38.96 -31.07 3.52
N GLU A 205 -38.00 -31.88 3.06
CA GLU A 205 -38.20 -33.32 2.99
C GLU A 205 -37.96 -33.98 4.34
N LEU A 206 -37.17 -33.33 5.19
CA LEU A 206 -36.89 -33.84 6.54
C LEU A 206 -37.94 -33.43 7.58
N THR A 207 -38.77 -32.45 7.24
CA THR A 207 -39.86 -32.02 8.12
C THR A 207 -41.13 -32.84 7.91
N GLN A 208 -41.13 -33.67 6.86
CA GLN A 208 -42.26 -34.53 6.53
C GLN A 208 -42.53 -35.59 7.60
N SER A 209 -43.81 -35.90 7.79
CA SER A 209 -44.23 -36.91 8.78
C SER A 209 -44.11 -38.33 8.25
N THR A 210 -43.36 -39.16 8.97
CA THR A 210 -43.44 -40.61 8.80
C THR A 210 -43.43 -41.25 10.17
N THR A 211 -44.47 -42.02 10.48
CA THR A 211 -44.64 -42.58 11.82
C THR A 211 -43.72 -43.78 12.11
N GLU A 212 -43.32 -44.49 11.05
CA GLU A 212 -42.48 -45.68 11.22
C GLU A 212 -41.07 -45.37 11.77
N ALA A 213 -40.52 -44.21 11.40
CA ALA A 213 -39.27 -43.78 12.00
C ALA A 213 -39.46 -43.37 13.46
N SER A 214 -40.70 -43.11 13.85
CA SER A 214 -41.05 -42.70 15.21
C SER A 214 -41.19 -43.87 16.18
N GLU A 215 -40.98 -45.09 15.68
CA GLU A 215 -40.75 -46.25 16.53
C GLU A 215 -39.30 -46.19 16.98
N VAL A 216 -38.57 -45.24 16.40
CA VAL A 216 -37.27 -44.78 16.88
C VAL A 216 -37.37 -43.55 17.82
N ILE A 217 -38.52 -43.37 18.49
CA ILE A 217 -38.63 -42.39 19.60
C ILE A 217 -37.41 -42.57 20.49
N ASP A 218 -36.88 -43.78 20.50
CA ASP A 218 -35.74 -44.20 21.31
C ASP A 218 -34.43 -43.75 20.66
N SER A 219 -33.31 -44.20 21.22
CA SER A 219 -33.29 -45.15 22.33
C SER A 219 -33.66 -44.75 23.76
N VAL A 220 -34.25 -45.71 24.46
CA VAL A 220 -34.47 -45.75 25.91
C VAL A 220 -33.08 -45.86 26.52
N GLU A 221 -32.10 -46.01 25.62
CA GLU A 221 -30.69 -45.81 25.88
C GLU A 221 -30.28 -44.51 25.23
N ILE A 222 -30.09 -43.51 26.06
CA ILE A 222 -29.31 -42.37 25.65
C ILE A 222 -28.53 -41.91 26.87
N SER A 223 -27.22 -41.77 26.73
CA SER A 223 -26.42 -41.72 27.94
C SER A 223 -25.71 -40.39 28.18
N PRO A 224 -25.61 -40.01 29.45
CA PRO A 224 -25.03 -38.74 29.87
C PRO A 224 -23.71 -38.47 29.18
N ASP A 225 -22.92 -39.53 29.00
CA ASP A 225 -21.60 -39.38 28.41
C ASP A 225 -21.61 -39.47 26.89
N ASP A 226 -22.77 -39.78 26.30
CA ASP A 226 -22.89 -39.77 24.85
C ASP A 226 -22.63 -38.38 24.34
N VAL A 227 -21.96 -38.28 23.21
CA VAL A 227 -21.62 -36.98 22.63
C VAL A 227 -22.74 -36.42 21.75
N VAL A 228 -22.98 -35.12 21.89
CA VAL A 228 -24.07 -34.42 21.22
C VAL A 228 -23.56 -33.30 20.32
N ALA A 229 -22.80 -32.37 20.88
CA ALA A 229 -22.19 -31.31 20.09
C ALA A 229 -20.69 -31.54 19.92
N LEU A 230 -20.19 -31.29 18.72
CA LEU A 230 -18.79 -31.49 18.41
C LEU A 230 -18.18 -30.29 17.70
N PRO A 231 -18.01 -29.17 18.41
CA PRO A 231 -17.40 -27.97 17.84
C PRO A 231 -15.87 -28.10 17.73
N TYR A 232 -15.26 -27.25 16.91
CA TYR A 232 -13.81 -27.25 16.74
C TYR A 232 -13.19 -25.99 17.35
N SER A 233 -11.94 -26.10 17.77
CA SER A 233 -11.31 -25.03 18.52
C SER A 233 -10.11 -24.46 17.79
N SER A 234 -9.76 -23.22 18.12
CA SER A 234 -8.47 -22.68 17.75
C SER A 234 -7.40 -23.54 18.42
N GLY A 235 -7.73 -24.09 19.59
CA GLY A 235 -6.87 -25.02 20.29
C GLY A 235 -5.94 -24.36 21.30
N THR A 236 -5.58 -25.11 22.35
CA THR A 236 -4.59 -24.62 23.32
C THR A 236 -3.22 -24.49 22.62
N THR A 237 -2.93 -25.42 21.71
CA THR A 237 -1.74 -25.36 20.88
C THR A 237 -2.02 -25.72 19.42
N GLY A 238 -1.79 -24.78 18.51
CA GLY A 238 -1.80 -25.04 17.08
C GLY A 238 -3.05 -25.59 16.42
N LEU A 239 -2.89 -26.74 15.77
CA LEU A 239 -3.90 -27.36 14.89
C LEU A 239 -5.29 -27.53 15.55
N PRO A 240 -6.36 -27.24 14.80
CA PRO A 240 -7.74 -27.27 15.32
C PRO A 240 -8.20 -28.67 15.71
N LYS A 241 -8.78 -28.80 16.90
CA LYS A 241 -9.22 -30.10 17.41
C LYS A 241 -10.73 -30.15 17.65
N GLY A 242 -11.31 -31.34 17.43
CA GLY A 242 -12.70 -31.57 17.79
C GLY A 242 -12.95 -31.70 19.29
N VAL A 243 -13.83 -30.88 19.83
CA VAL A 243 -14.17 -30.94 21.25
C VAL A 243 -15.43 -31.76 21.45
N MET A 244 -15.38 -32.76 22.33
CA MET A 244 -16.56 -33.58 22.58
C MET A 244 -17.34 -33.03 23.78
N LEU A 245 -18.51 -32.47 23.51
CA LEU A 245 -19.38 -31.97 24.57
C LEU A 245 -20.53 -32.94 24.71
N THR A 246 -20.76 -33.43 25.92
CA THR A 246 -21.75 -34.47 26.13
C THR A 246 -23.12 -33.93 26.53
N HIS A 247 -24.10 -34.83 26.64
CA HIS A 247 -25.42 -34.44 27.13
C HIS A 247 -25.31 -33.95 28.59
N LYS A 248 -24.73 -34.79 29.44
CA LYS A 248 -24.48 -34.40 30.82
C LYS A 248 -23.83 -33.01 30.85
N GLY A 249 -22.80 -32.82 30.02
CA GLY A 249 -22.02 -31.60 30.06
C GLY A 249 -22.85 -30.35 29.80
N LEU A 250 -23.51 -30.34 28.64
CA LEU A 250 -24.31 -29.19 28.22
C LEU A 250 -25.50 -28.91 29.15
N VAL A 251 -26.24 -29.95 29.53
CA VAL A 251 -27.26 -29.82 30.55
C VAL A 251 -26.70 -29.14 31.79
N THR A 252 -25.51 -29.58 32.19
CA THR A 252 -24.85 -28.98 33.34
C THR A 252 -24.59 -27.48 33.14
N SER A 253 -23.98 -27.06 32.02
CA SER A 253 -23.58 -25.65 31.88
C SER A 253 -24.75 -24.71 31.65
N VAL A 254 -25.76 -25.20 30.95
CA VAL A 254 -27.02 -24.49 30.86
C VAL A 254 -27.67 -24.27 32.23
N ALA A 255 -27.74 -25.33 33.05
CA ALA A 255 -28.33 -25.17 34.37
C ALA A 255 -27.50 -24.22 35.22
N GLN A 256 -26.18 -24.35 35.10
CA GLN A 256 -25.25 -23.48 35.79
C GLN A 256 -25.59 -22.03 35.50
N GLN A 257 -25.96 -21.77 34.25
CA GLN A 257 -26.30 -20.42 33.83
C GLN A 257 -27.71 -19.93 34.20
N VAL A 258 -28.74 -20.54 33.62
CA VAL A 258 -30.11 -20.05 33.79
C VAL A 258 -30.97 -20.64 34.92
N ASP A 259 -30.61 -21.81 35.44
CA ASP A 259 -31.33 -22.45 36.56
C ASP A 259 -31.02 -21.84 37.93
N GLY A 260 -31.89 -22.16 38.89
CA GLY A 260 -31.80 -21.65 40.25
C GLY A 260 -32.93 -20.67 40.59
N GLU A 261 -33.12 -20.41 41.89
CA GLU A 261 -34.01 -19.35 42.33
C GLU A 261 -33.39 -17.96 42.07
N ASN A 262 -32.06 -17.92 41.99
CA ASN A 262 -31.37 -16.70 41.63
C ASN A 262 -30.34 -17.06 40.58
N PRO A 263 -30.80 -17.17 39.32
CA PRO A 263 -29.97 -17.57 38.18
C PRO A 263 -28.75 -16.66 37.98
N ASN A 264 -27.62 -17.26 37.69
CA ASN A 264 -26.43 -16.52 37.32
C ASN A 264 -26.76 -15.54 36.19
N LEU A 265 -27.38 -16.05 35.12
CA LEU A 265 -27.81 -15.24 33.98
C LEU A 265 -29.33 -15.28 33.87
N TYR A 266 -29.98 -14.17 34.20
CA TYR A 266 -31.43 -14.22 34.36
C TYR A 266 -32.19 -13.94 33.07
N PHE A 267 -32.89 -14.97 32.59
CA PHE A 267 -33.78 -14.85 31.43
C PHE A 267 -35.21 -15.20 31.83
N HIS A 268 -36.15 -14.31 31.56
CA HIS A 268 -37.56 -14.59 31.70
C HIS A 268 -38.03 -15.33 30.42
N SER A 269 -39.28 -15.76 30.36
CA SER A 269 -39.75 -16.36 29.11
C SER A 269 -40.39 -15.31 28.22
N ASP A 270 -40.54 -14.10 28.76
CA ASP A 270 -41.01 -12.97 27.99
C ASP A 270 -39.84 -12.21 27.37
N ASP A 271 -38.63 -12.71 27.59
CA ASP A 271 -37.44 -12.12 26.98
C ASP A 271 -37.45 -12.38 25.48
N VAL A 272 -36.74 -11.54 24.74
CA VAL A 272 -36.48 -11.76 23.33
C VAL A 272 -34.99 -11.59 23.17
N ILE A 273 -34.32 -12.69 22.87
CA ILE A 273 -32.88 -12.78 22.87
C ILE A 273 -32.38 -12.70 21.44
N LEU A 274 -31.54 -11.73 21.18
CA LEU A 274 -30.99 -11.52 19.86
C LEU A 274 -29.84 -12.46 19.64
N CYS A 275 -29.82 -13.14 18.50
CA CYS A 275 -28.71 -14.01 18.19
C CYS A 275 -28.09 -13.67 16.83
N VAL A 276 -27.33 -12.57 16.79
CA VAL A 276 -26.69 -12.14 15.56
C VAL A 276 -25.28 -12.73 15.53
N LEU A 277 -24.89 -13.35 16.64
CA LEU A 277 -23.61 -14.03 16.70
C LEU A 277 -23.71 -15.39 16.01
N PRO A 278 -22.58 -15.89 15.52
CA PRO A 278 -22.61 -17.13 14.73
C PRO A 278 -23.01 -18.32 15.58
N MET A 279 -23.96 -19.11 15.08
CA MET A 279 -24.42 -20.29 15.80
C MET A 279 -23.45 -21.45 15.66
N PHE A 280 -22.55 -21.40 14.69
CA PHE A 280 -21.54 -22.44 14.59
C PHE A 280 -20.58 -22.36 15.78
N HIS A 281 -20.29 -21.13 16.20
CA HIS A 281 -19.51 -20.86 17.41
C HIS A 281 -20.27 -21.35 18.66
N ILE A 282 -19.59 -22.05 19.56
CA ILE A 282 -20.23 -22.65 20.73
C ILE A 282 -20.87 -21.65 21.70
N TYR A 283 -20.37 -20.42 21.72
CA TYR A 283 -20.95 -19.42 22.60
C TYR A 283 -22.40 -19.19 22.23
N ALA A 284 -22.64 -18.81 20.97
CA ALA A 284 -24.00 -18.54 20.55
C ALA A 284 -24.89 -19.73 20.87
N LEU A 285 -24.43 -20.92 20.49
CA LEU A 285 -25.20 -22.14 20.69
C LEU A 285 -25.64 -22.28 22.15
N ASN A 286 -24.67 -22.49 23.03
CA ASN A 286 -24.92 -22.63 24.46
C ASN A 286 -25.70 -21.46 25.10
N SER A 287 -25.10 -20.27 25.11
CA SER A 287 -25.61 -19.16 25.90
C SER A 287 -26.75 -18.38 25.27
N ILE A 288 -27.05 -18.66 24.01
CA ILE A 288 -28.20 -18.04 23.40
C ILE A 288 -29.25 -19.09 23.09
N MET A 289 -28.88 -20.06 22.26
CA MET A 289 -29.87 -21.04 21.85
C MET A 289 -30.35 -21.96 22.98
N LEU A 290 -29.43 -22.66 23.59
CA LEU A 290 -29.80 -23.65 24.62
C LEU A 290 -30.43 -23.00 25.83
N CYS A 291 -29.78 -21.97 26.33
CA CYS A 291 -30.28 -21.23 27.48
C CYS A 291 -31.64 -20.60 27.19
N GLY A 292 -31.70 -19.88 26.07
CA GLY A 292 -32.92 -19.21 25.67
C GLY A 292 -34.07 -20.20 25.64
N LEU A 293 -33.80 -21.36 25.05
CA LEU A 293 -34.83 -22.39 24.91
C LEU A 293 -35.28 -22.95 26.25
N ARG A 294 -34.30 -23.28 27.09
CA ARG A 294 -34.57 -23.78 28.45
C ARG A 294 -35.54 -22.89 29.23
N VAL A 295 -35.39 -21.58 29.06
CA VAL A 295 -36.22 -20.66 29.84
C VAL A 295 -37.54 -20.23 29.19
N GLY A 296 -37.74 -20.62 27.93
CA GLY A 296 -38.96 -20.29 27.21
C GLY A 296 -38.94 -18.96 26.46
N ALA A 297 -37.73 -18.45 26.22
CA ALA A 297 -37.55 -17.16 25.57
C ALA A 297 -37.74 -17.25 24.06
N ALA A 298 -38.04 -16.10 23.47
CA ALA A 298 -38.04 -15.93 22.03
C ALA A 298 -36.62 -15.70 21.56
N ILE A 299 -36.27 -16.27 20.42
CA ILE A 299 -34.94 -16.11 19.87
C ILE A 299 -35.00 -15.40 18.53
N LEU A 300 -34.47 -14.19 18.46
CA LEU A 300 -34.52 -13.39 17.26
C LEU A 300 -33.28 -13.65 16.44
N ILE A 301 -33.47 -14.29 15.30
CA ILE A 301 -32.37 -14.74 14.48
C ILE A 301 -32.03 -13.74 13.38
N MET A 302 -30.80 -13.23 13.42
CA MET A 302 -30.29 -12.38 12.36
C MET A 302 -29.26 -13.11 11.53
N PRO A 303 -29.56 -13.39 10.26
CA PRO A 303 -28.63 -14.17 9.44
C PRO A 303 -27.35 -13.37 9.21
N LYS A 304 -27.50 -12.06 9.15
CA LYS A 304 -26.42 -11.15 8.77
C LYS A 304 -26.52 -9.89 9.61
N PHE A 305 -25.39 -9.37 10.07
CA PHE A 305 -25.37 -8.10 10.79
C PHE A 305 -25.22 -6.87 9.89
N GLU A 306 -26.14 -5.92 10.03
CA GLU A 306 -25.96 -4.57 9.53
C GLU A 306 -26.61 -3.63 10.52
N ILE A 307 -25.99 -2.49 10.78
CA ILE A 307 -26.41 -1.66 11.91
C ILE A 307 -27.87 -1.20 11.87
N ASN A 308 -28.32 -0.71 10.71
CA ASN A 308 -29.72 -0.28 10.62
C ASN A 308 -30.69 -1.43 10.76
N LEU A 309 -30.47 -2.52 10.03
CA LEU A 309 -31.30 -3.71 10.22
C LEU A 309 -31.39 -4.11 11.71
N LEU A 310 -30.25 -4.07 12.41
CA LEU A 310 -30.24 -4.37 13.84
C LEU A 310 -31.15 -3.44 14.64
N LEU A 311 -30.91 -2.12 14.56
CA LEU A 311 -31.81 -1.15 15.22
C LEU A 311 -33.31 -1.37 14.91
N GLU A 312 -33.63 -1.52 13.64
CA GLU A 312 -34.97 -1.84 13.18
C GLU A 312 -35.56 -3.02 13.94
N LEU A 313 -34.84 -4.14 13.93
CA LEU A 313 -35.33 -5.37 14.55
C LEU A 313 -35.48 -5.23 16.05
N ILE A 314 -34.62 -4.42 16.66
CA ILE A 314 -34.74 -4.20 18.09
C ILE A 314 -36.05 -3.51 18.36
N GLN A 315 -36.25 -2.37 17.70
CA GLN A 315 -37.46 -1.58 17.95
C GLN A 315 -38.73 -2.40 17.68
N ARG A 316 -38.72 -3.13 16.58
CA ARG A 316 -39.88 -3.88 16.16
C ARG A 316 -40.20 -5.09 17.03
N CYS A 317 -39.19 -5.90 17.30
CA CYS A 317 -39.41 -7.17 17.99
C CYS A 317 -39.26 -7.03 19.48
N LYS A 318 -38.93 -5.81 19.91
CA LYS A 318 -38.72 -5.51 21.32
C LYS A 318 -37.77 -6.53 21.98
N VAL A 319 -36.59 -6.67 21.36
CA VAL A 319 -35.49 -7.47 21.85
C VAL A 319 -35.15 -7.02 23.26
N THR A 320 -35.16 -7.92 24.23
CA THR A 320 -34.72 -7.53 25.57
C THR A 320 -33.27 -7.83 25.95
N VAL A 321 -32.67 -8.80 25.25
CA VAL A 321 -31.33 -9.27 25.61
C VAL A 321 -30.47 -9.34 24.38
N ALA A 322 -29.40 -8.59 24.40
CA ALA A 322 -28.57 -8.43 23.21
C ALA A 322 -27.15 -8.88 23.47
N PRO A 323 -26.87 -10.17 23.24
CA PRO A 323 -25.48 -10.67 23.15
C PRO A 323 -24.82 -10.14 21.88
N MET A 324 -23.62 -9.59 22.04
CA MET A 324 -22.92 -8.96 20.94
C MET A 324 -21.40 -9.09 21.05
N VAL A 325 -20.72 -8.44 20.11
CA VAL A 325 -19.27 -8.41 20.02
C VAL A 325 -18.83 -6.96 20.01
N PRO A 326 -17.56 -6.72 20.30
CA PRO A 326 -17.04 -5.35 20.42
C PRO A 326 -17.20 -4.53 19.15
N PRO A 327 -17.00 -5.13 17.98
CA PRO A 327 -17.15 -4.41 16.72
C PRO A 327 -18.58 -3.90 16.56
N ILE A 328 -19.55 -4.72 16.94
CA ILE A 328 -20.97 -4.36 16.88
C ILE A 328 -21.32 -3.21 17.85
N VAL A 329 -20.84 -3.29 19.09
CA VAL A 329 -21.16 -2.26 20.06
C VAL A 329 -20.52 -0.94 19.66
N LEU A 330 -19.27 -1.03 19.19
CA LEU A 330 -18.60 0.09 18.56
C LEU A 330 -19.52 0.71 17.52
N ALA A 331 -19.87 -0.05 16.48
CA ALA A 331 -20.74 0.46 15.42
C ALA A 331 -21.99 1.18 15.95
N ILE A 332 -22.66 0.58 16.93
CA ILE A 332 -23.87 1.19 17.52
C ILE A 332 -23.56 2.53 18.17
N ALA A 333 -22.57 2.51 19.06
CA ALA A 333 -22.13 3.71 19.78
C ALA A 333 -21.68 4.85 18.87
N LYS A 334 -21.09 4.52 17.73
CA LYS A 334 -20.61 5.55 16.81
C LYS A 334 -21.76 6.17 16.04
N SER A 335 -22.68 5.35 15.56
CA SER A 335 -23.74 5.85 14.69
C SER A 335 -24.72 6.81 15.35
N SER A 336 -25.14 7.79 14.57
CA SER A 336 -26.07 8.81 14.98
C SER A 336 -27.49 8.33 14.70
N GLU A 337 -27.59 7.08 14.24
CA GLU A 337 -28.86 6.48 13.88
C GLU A 337 -29.75 6.19 15.09
N THR A 338 -29.12 5.92 16.22
CA THR A 338 -29.81 5.48 17.43
C THR A 338 -30.95 6.41 17.88
N GLU A 339 -30.82 7.71 17.64
CA GLU A 339 -31.80 8.66 18.16
C GLU A 339 -33.19 8.45 17.57
N LYS A 340 -33.23 7.85 16.39
CA LYS A 340 -34.48 7.61 15.67
C LYS A 340 -35.29 6.47 16.33
N TYR A 341 -34.70 5.27 16.36
CA TYR A 341 -35.33 4.07 16.91
C TYR A 341 -35.49 4.04 18.44
N ASP A 342 -36.63 3.52 18.90
CA ASP A 342 -36.84 3.35 20.33
C ASP A 342 -36.16 2.04 20.72
N LEU A 343 -35.09 2.17 21.50
CA LEU A 343 -34.30 1.04 21.97
C LEU A 343 -34.58 0.63 23.43
N SER A 344 -35.56 1.29 24.04
CA SER A 344 -35.77 1.20 25.48
C SER A 344 -36.03 -0.23 25.96
N SER A 345 -36.28 -1.13 25.03
CA SER A 345 -36.63 -2.50 25.39
C SER A 345 -35.45 -3.36 25.83
N ILE A 346 -34.24 -3.00 25.39
CA ILE A 346 -33.06 -3.82 25.68
C ILE A 346 -32.72 -3.59 27.13
N ARG A 347 -32.84 -4.65 27.93
CA ARG A 347 -32.48 -4.60 29.34
C ARG A 347 -31.11 -5.21 29.66
N VAL A 348 -30.53 -5.93 28.72
CA VAL A 348 -29.25 -6.58 28.96
C VAL A 348 -28.31 -6.54 27.76
N VAL A 349 -27.12 -5.96 27.91
CA VAL A 349 -26.15 -5.96 26.81
C VAL A 349 -24.94 -6.81 27.18
N LYS A 350 -24.88 -8.01 26.61
CA LYS A 350 -23.90 -8.99 27.09
C LYS A 350 -22.81 -9.18 26.06
N SER A 351 -21.57 -8.99 26.47
CA SER A 351 -20.47 -9.14 25.53
C SER A 351 -19.86 -10.51 25.71
N GLY A 352 -19.90 -11.31 24.65
CA GLY A 352 -19.32 -12.64 24.67
C GLY A 352 -18.12 -12.67 23.76
N ALA A 353 -16.97 -13.04 24.34
CA ALA A 353 -15.73 -13.12 23.58
C ALA A 353 -15.13 -11.75 23.29
N ALA A 354 -15.66 -10.72 23.96
CA ALA A 354 -15.18 -9.36 23.74
C ALA A 354 -15.25 -8.44 24.95
N PRO A 355 -14.19 -7.68 25.17
CA PRO A 355 -14.16 -6.72 26.28
C PRO A 355 -14.32 -5.26 25.88
N LEU A 356 -15.22 -4.54 26.54
CA LEU A 356 -15.42 -3.13 26.28
C LEU A 356 -14.31 -2.28 26.88
N GLY A 357 -13.97 -1.17 26.22
CA GLY A 357 -12.95 -0.27 26.75
C GLY A 357 -13.40 0.82 27.71
N LYS A 358 -14.59 0.76 28.26
CA LYS A 358 -14.95 1.74 29.28
C LYS A 358 -15.09 3.15 28.71
N GLU A 359 -14.88 3.24 27.41
CA GLU A 359 -15.22 4.43 26.66
C GLU A 359 -16.55 4.00 26.10
N LEU A 360 -16.58 2.76 25.63
CA LEU A 360 -17.79 2.15 25.10
C LEU A 360 -18.84 2.02 26.17
N GLU A 361 -18.47 1.45 27.31
CA GLU A 361 -19.43 1.20 28.37
C GLU A 361 -20.24 2.47 28.70
N ASP A 362 -19.59 3.62 28.60
CA ASP A 362 -20.26 4.89 28.83
C ASP A 362 -21.24 5.20 27.68
N ALA A 363 -20.76 5.01 26.45
CA ALA A 363 -21.58 5.19 25.25
C ALA A 363 -22.88 4.38 25.31
N VAL A 364 -22.72 3.09 25.54
CA VAL A 364 -23.80 2.19 25.87
C VAL A 364 -24.71 2.75 26.96
N ASN A 365 -24.19 2.98 28.16
CA ASN A 365 -25.03 3.51 29.24
C ASN A 365 -25.92 4.66 28.78
N ALA A 366 -25.36 5.54 27.94
CA ALA A 366 -26.15 6.63 27.37
C ALA A 366 -27.25 6.12 26.41
N LYS A 367 -26.87 5.33 25.41
CA LYS A 367 -27.80 4.82 24.40
C LYS A 367 -28.88 3.88 24.96
N PHE A 368 -28.55 3.20 26.05
CA PHE A 368 -29.47 2.28 26.73
C PHE A 368 -29.38 2.52 28.23
N PRO A 369 -30.18 3.44 28.76
CA PRO A 369 -30.13 3.64 30.20
C PRO A 369 -30.51 2.35 30.94
N ASN A 370 -31.52 1.64 30.42
CA ASN A 370 -32.07 0.44 31.05
C ASN A 370 -31.19 -0.82 31.02
N ALA A 371 -30.06 -0.75 30.33
CA ALA A 371 -29.25 -1.94 30.13
C ALA A 371 -28.17 -2.16 31.18
N LYS A 372 -28.12 -3.39 31.70
CA LYS A 372 -26.98 -3.85 32.49
C LYS A 372 -25.95 -4.55 31.58
N LEU A 373 -24.67 -4.26 31.79
CA LEU A 373 -23.60 -4.79 30.94
C LEU A 373 -22.73 -5.76 31.70
N GLY A 374 -22.05 -6.62 30.95
CA GLY A 374 -21.23 -7.64 31.56
C GLY A 374 -20.66 -8.58 30.53
N GLN A 375 -19.69 -9.37 30.97
CA GLN A 375 -19.01 -10.27 30.07
C GLN A 375 -19.01 -11.62 30.72
N GLY A 376 -19.17 -12.66 29.93
CA GLY A 376 -18.91 -14.01 30.40
C GLY A 376 -17.42 -14.26 30.21
N TYR A 377 -16.95 -15.43 30.58
CA TYR A 377 -15.61 -15.85 30.17
C TYR A 377 -15.72 -17.25 29.60
N GLY A 378 -15.51 -17.40 28.29
CA GLY A 378 -15.65 -18.72 27.71
C GLY A 378 -14.38 -19.43 27.26
N MET A 379 -14.48 -20.74 27.09
CA MET A 379 -13.49 -21.53 26.37
C MET A 379 -14.23 -22.75 25.82
N THR A 380 -13.94 -23.16 24.59
CA THR A 380 -14.74 -24.22 24.01
C THR A 380 -14.62 -25.50 24.83
N GLU A 381 -13.40 -25.78 25.28
CA GLU A 381 -13.12 -26.96 26.08
C GLU A 381 -13.84 -26.91 27.43
N ALA A 382 -14.12 -25.69 27.88
CA ALA A 382 -14.68 -25.47 29.20
C ALA A 382 -16.18 -25.68 29.25
N GLY A 383 -16.80 -25.85 28.08
CA GLY A 383 -18.18 -26.28 27.98
C GLY A 383 -19.35 -25.41 27.57
N PRO A 384 -19.14 -24.18 27.04
CA PRO A 384 -18.08 -23.16 26.96
C PRO A 384 -17.87 -22.31 28.21
N VAL A 385 -18.83 -22.27 29.14
CA VAL A 385 -18.83 -21.23 30.16
C VAL A 385 -18.07 -21.53 31.45
N LEU A 386 -17.28 -20.55 31.89
CA LEU A 386 -16.49 -20.67 33.12
C LEU A 386 -16.92 -19.63 34.16
N ALA A 387 -16.88 -18.36 33.78
CA ALA A 387 -17.37 -17.30 34.64
C ALA A 387 -18.54 -16.59 33.97
N MET A 388 -19.43 -16.06 34.79
CA MET A 388 -20.54 -15.26 34.32
C MET A 388 -20.67 -14.05 35.24
N SER A 389 -20.89 -12.87 34.67
CA SER A 389 -21.07 -11.67 35.47
C SER A 389 -22.25 -11.84 36.42
N LEU A 390 -22.04 -11.62 37.71
CA LEU A 390 -23.14 -11.77 38.65
C LEU A 390 -24.05 -10.56 38.66
N GLY A 391 -23.73 -9.57 37.83
CA GLY A 391 -24.59 -8.42 37.62
C GLY A 391 -25.83 -8.82 36.87
N PHE A 392 -25.76 -9.97 36.20
CA PHE A 392 -26.84 -10.51 35.36
C PHE A 392 -27.89 -11.31 36.13
N ALA A 393 -27.57 -11.64 37.39
CA ALA A 393 -28.37 -12.54 38.21
C ALA A 393 -29.72 -11.93 38.49
N LYS A 394 -30.71 -12.77 38.83
CA LYS A 394 -32.04 -12.25 39.11
C LYS A 394 -31.97 -11.21 40.23
N GLU A 395 -31.38 -11.59 41.39
CA GLU A 395 -31.01 -10.63 42.42
C GLU A 395 -29.53 -10.34 42.22
N PRO A 396 -29.23 -9.17 41.63
CA PRO A 396 -27.89 -8.93 41.07
C PRO A 396 -26.85 -8.57 42.12
N PHE A 397 -25.62 -9.03 41.89
CA PHE A 397 -24.46 -8.64 42.69
C PHE A 397 -23.72 -7.43 42.10
N PRO A 398 -22.96 -6.72 42.94
CA PRO A 398 -22.06 -5.65 42.49
C PRO A 398 -21.01 -6.20 41.52
N VAL A 399 -20.71 -5.42 40.48
CA VAL A 399 -19.68 -5.81 39.53
C VAL A 399 -18.70 -4.64 39.36
N LYS A 400 -17.43 -4.95 39.10
CA LYS A 400 -16.41 -3.94 38.80
C LYS A 400 -16.10 -3.93 37.31
N SER A 401 -15.71 -2.78 36.78
CA SER A 401 -15.36 -2.70 35.35
C SER A 401 -14.05 -3.44 35.02
N GLY A 402 -14.07 -4.14 33.89
CA GLY A 402 -12.92 -4.91 33.44
C GLY A 402 -12.94 -6.34 33.93
N ALA A 403 -13.91 -6.66 34.78
CA ALA A 403 -14.02 -7.99 35.36
C ALA A 403 -14.67 -8.94 34.38
N CYS A 404 -14.31 -10.21 34.47
CA CYS A 404 -14.88 -11.25 33.62
C CYS A 404 -16.07 -11.96 34.25
N GLY A 405 -16.45 -11.51 35.44
CA GLY A 405 -17.52 -12.15 36.19
C GLY A 405 -17.00 -13.09 37.26
N THR A 406 -17.88 -13.92 37.79
CA THR A 406 -17.52 -14.86 38.84
C THR A 406 -17.59 -16.27 38.27
N VAL A 407 -16.78 -17.19 38.79
CA VAL A 407 -16.84 -18.58 38.33
C VAL A 407 -18.25 -19.11 38.54
N VAL A 408 -18.69 -20.04 37.68
CA VAL A 408 -20.06 -20.53 37.75
C VAL A 408 -20.27 -21.44 38.96
N ARG A 409 -21.52 -21.85 39.18
CA ARG A 409 -21.81 -22.67 40.35
C ARG A 409 -21.81 -24.13 39.98
N ASN A 410 -21.89 -25.01 40.99
CA ASN A 410 -21.63 -26.44 40.79
C ASN A 410 -20.35 -26.69 40.01
N ALA A 411 -19.34 -25.88 40.32
CA ALA A 411 -18.01 -26.00 39.76
C ALA A 411 -16.99 -25.45 40.74
N GLU A 412 -15.74 -25.88 40.57
CA GLU A 412 -14.61 -25.32 41.33
C GLU A 412 -13.53 -24.76 40.39
N MET A 413 -12.84 -23.70 40.83
CA MET A 413 -11.82 -23.06 40.01
C MET A 413 -10.56 -22.70 40.81
N LYS A 414 -9.38 -23.03 40.29
CA LYS A 414 -8.13 -22.69 40.98
C LYS A 414 -7.18 -21.90 40.10
N ILE A 415 -6.26 -21.19 40.74
CA ILE A 415 -5.23 -20.47 40.01
C ILE A 415 -3.85 -21.08 40.30
N VAL A 416 -3.32 -21.85 39.35
CA VAL A 416 -1.99 -22.45 39.48
C VAL A 416 -0.87 -21.52 39.05
N ASP A 417 0.31 -21.78 39.61
CA ASP A 417 1.56 -21.26 39.09
C ASP A 417 1.95 -22.15 37.92
N PRO A 418 2.26 -21.56 36.77
CA PRO A 418 2.64 -22.34 35.59
C PRO A 418 3.94 -23.12 35.79
N ASP A 419 4.00 -24.35 35.26
CA ASP A 419 5.20 -25.19 35.37
C ASP A 419 5.56 -25.69 36.80
N THR A 420 4.63 -25.45 37.70
CA THR A 420 4.61 -25.92 39.06
C THR A 420 3.12 -26.19 39.26
N GLY A 421 2.78 -27.11 40.14
CA GLY A 421 1.40 -27.46 40.36
C GLY A 421 0.78 -26.67 41.50
N ASP A 422 1.53 -25.72 42.04
CA ASP A 422 1.11 -25.04 43.25
C ASP A 422 -0.02 -24.05 42.99
N SER A 423 -1.00 -24.12 43.89
CA SER A 423 -2.19 -23.26 43.87
C SER A 423 -1.95 -21.89 44.49
N LEU A 424 -2.39 -20.83 43.80
CA LEU A 424 -2.25 -19.48 44.30
C LEU A 424 -3.51 -18.99 44.99
N SER A 425 -3.45 -17.75 45.47
CA SER A 425 -4.52 -17.16 46.26
C SER A 425 -5.00 -15.87 45.62
N ARG A 426 -5.85 -15.15 46.35
CA ARG A 426 -6.46 -13.93 45.85
C ARG A 426 -5.44 -12.89 45.38
N ASN A 427 -5.74 -12.27 44.24
CA ASN A 427 -4.95 -11.22 43.62
C ASN A 427 -3.55 -11.67 43.19
N GLN A 428 -3.40 -12.98 42.97
CA GLN A 428 -2.14 -13.55 42.48
C GLN A 428 -2.33 -14.19 41.11
N PRO A 429 -1.77 -13.55 40.06
CA PRO A 429 -1.98 -14.00 38.67
C PRO A 429 -1.52 -15.45 38.46
N GLY A 430 -2.10 -16.15 37.48
CA GLY A 430 -1.77 -17.56 37.27
C GLY A 430 -2.69 -18.26 36.30
N GLU A 431 -2.28 -19.43 35.82
CA GLU A 431 -3.07 -20.18 34.84
C GLU A 431 -4.40 -20.61 35.45
N ILE A 432 -5.47 -20.29 34.76
CA ILE A 432 -6.81 -20.53 35.27
C ILE A 432 -7.29 -21.95 34.99
N CYS A 433 -7.61 -22.68 36.06
CA CYS A 433 -8.10 -24.05 35.92
C CYS A 433 -9.52 -24.17 36.44
N ILE A 434 -10.29 -25.09 35.84
CA ILE A 434 -11.66 -25.32 36.27
C ILE A 434 -12.01 -26.81 36.28
N ARG A 435 -12.90 -27.21 37.19
CA ARG A 435 -13.36 -28.60 37.28
C ARG A 435 -14.86 -28.67 37.60
N GLY A 436 -15.57 -29.50 36.85
CA GLY A 436 -17.00 -29.69 37.01
C GLY A 436 -17.57 -30.43 35.81
N HIS A 437 -18.78 -30.95 35.95
CA HIS A 437 -19.34 -31.86 34.95
C HIS A 437 -19.61 -31.19 33.59
N GLN A 438 -19.52 -29.87 33.57
CA GLN A 438 -19.84 -29.08 32.38
C GLN A 438 -18.71 -28.95 31.36
N ILE A 439 -17.48 -29.33 31.75
CA ILE A 439 -16.33 -29.34 30.82
C ILE A 439 -16.41 -30.50 29.86
N MET A 440 -15.65 -30.37 28.77
CA MET A 440 -15.61 -31.37 27.71
C MET A 440 -15.26 -32.76 28.20
N LYS A 441 -15.85 -33.77 27.56
CA LYS A 441 -15.43 -35.15 27.75
C LYS A 441 -13.97 -35.32 27.33
N GLY A 442 -13.60 -34.67 26.22
CA GLY A 442 -12.22 -34.64 25.76
C GLY A 442 -12.11 -34.38 24.27
N TYR A 443 -10.88 -34.26 23.76
CA TYR A 443 -10.66 -34.10 22.32
C TYR A 443 -10.90 -35.43 21.64
N LEU A 444 -11.69 -35.39 20.58
CA LEU A 444 -12.07 -36.57 19.83
C LEU A 444 -10.85 -37.26 19.21
N ASN A 445 -10.71 -38.56 19.44
CA ASN A 445 -9.60 -39.35 18.91
C ASN A 445 -8.23 -38.69 19.14
N ASN A 446 -8.05 -38.07 20.31
CA ASN A 446 -6.76 -37.46 20.65
C ASN A 446 -6.47 -37.51 22.16
N PRO A 447 -6.34 -38.72 22.71
CA PRO A 447 -6.15 -38.78 24.18
C PRO A 447 -4.87 -38.07 24.62
N ALA A 448 -3.96 -37.83 23.67
CA ALA A 448 -2.71 -37.12 23.96
C ALA A 448 -2.99 -35.74 24.53
N ALA A 449 -3.61 -34.91 23.70
CA ALA A 449 -3.96 -33.55 24.10
C ALA A 449 -5.04 -33.57 25.16
N THR A 450 -5.89 -34.60 25.16
CA THR A 450 -6.95 -34.70 26.17
C THR A 450 -6.35 -34.85 27.57
N ALA A 451 -5.27 -35.63 27.66
CA ALA A 451 -4.55 -35.77 28.92
C ALA A 451 -3.60 -34.60 29.19
N GLU A 452 -3.17 -33.92 28.14
CA GLU A 452 -2.27 -32.77 28.30
C GLU A 452 -3.00 -31.53 28.85
N THR A 453 -4.19 -31.26 28.33
CA THR A 453 -5.06 -30.17 28.82
C THR A 453 -6.01 -30.45 30.02
N ILE A 454 -6.57 -31.66 30.14
CA ILE A 454 -7.34 -32.04 31.34
C ILE A 454 -6.53 -33.03 32.18
N ASP A 455 -6.01 -32.59 33.33
CA ASP A 455 -5.09 -33.42 34.12
C ASP A 455 -5.77 -34.55 34.91
N LYS A 456 -4.96 -35.32 35.64
CA LYS A 456 -5.40 -36.56 36.28
C LYS A 456 -6.49 -36.34 37.34
N ASP A 457 -6.42 -35.19 38.00
CA ASP A 457 -7.35 -34.84 39.07
C ASP A 457 -8.68 -34.29 38.56
N GLY A 458 -8.78 -34.08 37.25
CA GLY A 458 -10.01 -33.62 36.60
C GLY A 458 -10.04 -32.14 36.24
N TRP A 459 -8.88 -31.48 36.34
CA TRP A 459 -8.76 -30.04 36.07
C TRP A 459 -8.48 -29.72 34.62
N LEU A 460 -9.35 -28.91 34.02
CA LEU A 460 -9.10 -28.43 32.67
C LEU A 460 -8.24 -27.17 32.75
N HIS A 461 -7.05 -27.24 32.15
CA HIS A 461 -6.15 -26.10 32.07
C HIS A 461 -6.51 -25.27 30.84
N THR A 462 -6.88 -24.02 31.05
CA THR A 462 -7.26 -23.15 29.95
C THR A 462 -6.05 -22.77 29.12
N GLY A 463 -4.98 -22.37 29.81
CA GLY A 463 -3.84 -21.80 29.13
C GLY A 463 -4.02 -20.31 29.05
N ASP A 464 -4.90 -19.78 29.90
CA ASP A 464 -5.02 -18.33 30.06
C ASP A 464 -4.47 -18.02 31.44
N ILE A 465 -4.36 -16.75 31.79
CA ILE A 465 -3.88 -16.40 33.13
C ILE A 465 -4.71 -15.26 33.71
N GLY A 466 -4.96 -15.34 35.01
CA GLY A 466 -5.75 -14.31 35.68
C GLY A 466 -5.74 -14.45 37.18
N LEU A 467 -6.41 -13.51 37.85
CA LEU A 467 -6.48 -13.49 39.30
C LEU A 467 -7.93 -13.34 39.74
N ILE A 468 -8.20 -13.70 40.99
CA ILE A 468 -9.52 -13.51 41.57
C ILE A 468 -9.42 -12.62 42.80
N ASP A 469 -10.11 -11.47 42.80
CA ASP A 469 -9.98 -10.52 43.91
C ASP A 469 -10.78 -10.93 45.16
N ASP A 470 -10.83 -10.03 46.14
CA ASP A 470 -11.53 -10.29 47.39
C ASP A 470 -13.02 -10.51 47.14
N ASP A 471 -13.55 -9.82 46.14
CA ASP A 471 -14.98 -9.87 45.85
C ASP A 471 -15.37 -11.06 44.96
N ASP A 472 -14.41 -11.92 44.64
CA ASP A 472 -14.70 -13.16 43.90
C ASP A 472 -14.90 -12.95 42.40
N GLU A 473 -14.78 -11.70 41.95
CA GLU A 473 -14.73 -11.42 40.52
C GLU A 473 -13.39 -11.89 39.95
N LEU A 474 -13.42 -12.38 38.71
CA LEU A 474 -12.22 -12.87 38.05
C LEU A 474 -11.77 -11.88 36.98
N PHE A 475 -10.45 -11.64 36.93
CA PHE A 475 -9.85 -10.77 35.92
C PHE A 475 -8.91 -11.52 34.98
N ILE A 476 -9.08 -11.28 33.68
CA ILE A 476 -8.18 -11.85 32.69
C ILE A 476 -7.03 -10.88 32.36
N VAL A 477 -5.83 -11.42 32.20
CA VAL A 477 -4.65 -10.60 31.89
C VAL A 477 -3.82 -10.95 30.65
N ASP A 478 -3.56 -12.24 30.43
CA ASP A 478 -2.77 -12.70 29.29
C ASP A 478 -2.94 -14.22 29.02
N ARG A 479 -2.09 -14.71 28.13
CA ARG A 479 -2.15 -16.08 27.61
C ARG A 479 -0.75 -16.71 27.72
N LEU A 480 -0.63 -18.02 27.50
CA LEU A 480 0.68 -18.69 27.54
C LEU A 480 1.76 -17.98 26.72
N LYS A 481 1.37 -17.45 25.56
CA LYS A 481 2.26 -16.67 24.70
C LYS A 481 2.86 -15.48 25.48
N GLU A 482 4.20 -15.39 25.50
CA GLU A 482 4.92 -14.55 26.47
C GLU A 482 4.27 -14.58 27.87
N ALA A 589 14.34 -3.19 3.41
CA ALA A 589 13.68 -4.28 2.72
C ALA A 589 12.35 -3.84 2.12
N SER A 590 11.90 -2.66 2.51
CA SER A 590 10.63 -2.12 2.02
C SER A 590 10.86 -0.87 1.16
N VAL A 591 9.75 -0.28 0.70
CA VAL A 591 9.82 0.92 -0.13
C VAL A 591 10.44 2.09 0.61
N GLU A 592 10.09 2.24 1.88
CA GLU A 592 10.59 3.35 2.70
C GLU A 592 12.10 3.28 2.83
N GLU A 593 12.63 2.08 3.03
CA GLU A 593 14.07 1.88 3.17
C GLU A 593 14.72 1.85 1.80
N PHE A 594 14.40 0.82 1.02
CA PHE A 594 14.93 0.66 -0.33
C PHE A 594 15.13 2.04 -1.01
N ARG A 595 14.14 2.92 -0.83
CA ARG A 595 14.22 4.26 -1.42
C ARG A 595 15.35 5.10 -0.83
N ASN A 596 15.53 5.05 0.49
CA ASN A 596 16.62 5.83 1.07
C ASN A 596 17.97 5.19 0.84
N ALA A 597 17.98 3.87 0.69
CA ALA A 597 19.22 3.16 0.33
C ALA A 597 19.67 3.60 -1.04
N GLN A 598 18.67 3.76 -1.91
CA GLN A 598 18.88 3.98 -3.32
C GLN A 598 19.32 5.39 -3.70
N ARG A 599 18.86 6.40 -2.96
CA ARG A 599 19.26 7.77 -3.25
C ARG A 599 20.72 8.03 -2.84
N ALA A 600 21.20 9.22 -3.13
CA ALA A 600 22.57 9.60 -2.86
C ALA A 600 22.53 10.80 -1.94
N LYS A 601 23.50 10.92 -1.03
CA LYS A 601 23.44 11.91 0.05
C LYS A 601 23.66 13.41 -0.31
N GLY A 602 24.76 13.73 -1.02
CA GLY A 602 25.18 15.11 -1.21
C GLY A 602 24.68 15.83 -2.45
N PRO A 603 25.12 17.09 -2.64
CA PRO A 603 24.80 17.87 -3.84
C PRO A 603 25.58 17.33 -5.00
N ALA A 604 25.01 17.41 -6.21
CA ALA A 604 25.71 17.01 -7.42
C ALA A 604 26.91 17.91 -7.67
N THR A 605 28.08 17.32 -7.88
CA THR A 605 29.25 18.13 -8.12
C THR A 605 29.88 17.78 -9.46
N ILE A 606 30.56 18.76 -10.06
CA ILE A 606 31.31 18.50 -11.27
C ILE A 606 32.72 18.04 -10.91
N LEU A 607 33.03 16.80 -11.29
CA LEU A 607 34.33 16.17 -11.09
C LEU A 607 35.41 16.42 -12.19
N ALA A 608 34.96 16.51 -13.44
CA ALA A 608 35.89 16.66 -14.57
C ALA A 608 35.25 17.36 -15.78
N ILE A 609 36.07 18.05 -16.57
CA ILE A 609 35.62 18.70 -17.80
C ILE A 609 36.61 18.46 -18.92
N GLY A 610 36.12 18.37 -20.15
CA GLY A 610 36.98 18.19 -21.30
C GLY A 610 36.35 18.79 -22.53
N THR A 611 37.18 19.21 -23.48
CA THR A 611 36.67 19.94 -24.64
C THR A 611 37.39 19.44 -25.87
N ALA A 612 36.71 19.49 -27.00
CA ALA A 612 37.26 19.04 -28.26
C ALA A 612 36.76 19.99 -29.34
N THR A 613 37.56 20.20 -30.38
CA THR A 613 37.10 20.98 -31.53
C THR A 613 37.52 20.26 -32.80
N PRO A 614 36.91 20.61 -33.93
CA PRO A 614 37.45 20.20 -35.23
C PRO A 614 38.83 20.83 -35.48
N ASP A 615 39.63 20.20 -36.31
CA ASP A 615 40.95 20.74 -36.54
C ASP A 615 40.88 21.89 -37.53
N HIS A 616 39.87 21.88 -38.39
CA HIS A 616 39.68 22.99 -39.34
C HIS A 616 39.25 24.24 -38.57
N CYS A 617 40.00 25.30 -38.78
CA CYS A 617 39.86 26.53 -38.01
C CYS A 617 39.76 27.65 -39.01
N VAL A 618 38.82 28.58 -38.81
CA VAL A 618 38.72 29.74 -39.68
C VAL A 618 38.52 31.04 -38.89
N TYR A 619 39.37 32.02 -39.19
CA TYR A 619 39.46 33.31 -38.50
C TYR A 619 38.49 34.35 -39.06
N GLN A 620 37.91 35.21 -38.21
CA GLN A 620 36.84 36.11 -38.67
C GLN A 620 37.40 37.08 -39.66
N SER A 621 38.63 37.50 -39.45
CA SER A 621 39.25 38.45 -40.36
C SER A 621 39.13 37.95 -41.80
N ASP A 622 39.18 36.62 -41.97
CA ASP A 622 39.10 35.97 -43.28
C ASP A 622 37.70 35.53 -43.71
N TYR A 623 36.75 35.53 -42.77
CA TYR A 623 35.52 34.78 -42.97
C TYR A 623 34.54 35.33 -44.02
N ALA A 624 34.31 36.64 -44.04
CA ALA A 624 33.42 37.18 -45.06
C ALA A 624 33.87 36.72 -46.46
N ASP A 625 35.15 36.94 -46.75
CA ASP A 625 35.72 36.49 -48.00
C ASP A 625 35.52 34.99 -48.21
N TYR A 626 35.98 34.18 -47.26
CA TYR A 626 35.87 32.72 -47.36
C TYR A 626 34.45 32.25 -47.69
N TYR A 627 33.49 32.88 -47.04
CA TYR A 627 32.10 32.47 -47.11
C TYR A 627 31.45 32.84 -48.43
N PHE A 628 31.60 34.08 -48.84
CA PHE A 628 31.08 34.45 -50.14
C PHE A 628 31.82 33.72 -51.26
N LYS A 629 33.01 33.22 -50.95
CA LYS A 629 33.80 32.47 -51.92
C LYS A 629 33.23 31.07 -52.09
N VAL A 630 33.20 30.31 -51.00
CA VAL A 630 32.76 28.91 -51.04
C VAL A 630 31.26 28.73 -51.27
N THR A 631 30.48 29.80 -51.10
CA THR A 631 29.04 29.77 -51.40
C THR A 631 28.74 30.34 -52.77
N LYS A 632 29.79 30.66 -53.51
CA LYS A 632 29.62 31.14 -54.89
C LYS A 632 28.63 32.29 -54.96
N SER A 633 28.68 33.11 -53.91
CA SER A 633 27.88 34.32 -53.74
C SER A 633 28.61 35.63 -54.06
N GLU A 634 29.83 35.56 -54.55
CA GLU A 634 30.67 36.77 -54.68
C GLU A 634 30.02 37.86 -55.52
N HIS A 635 29.03 37.47 -56.31
CA HIS A 635 28.31 38.42 -57.14
C HIS A 635 27.48 39.43 -56.37
N MET A 636 27.11 39.14 -55.12
CA MET A 636 26.28 40.12 -54.39
C MET A 636 27.15 40.93 -53.46
N THR A 637 27.49 42.14 -53.91
CA THR A 637 28.50 42.97 -53.28
C THR A 637 27.95 43.77 -52.12
N ALA A 638 26.73 44.26 -52.32
CA ALA A 638 25.98 44.96 -51.29
C ALA A 638 25.88 44.12 -50.03
N LEU A 639 25.69 42.81 -50.20
CA LEU A 639 25.51 41.88 -49.07
C LEU A 639 26.82 41.49 -48.39
N LYS A 640 27.88 41.28 -49.17
CA LYS A 640 29.18 40.99 -48.60
C LYS A 640 29.65 42.18 -47.78
N LYS A 641 29.33 43.39 -48.24
CA LYS A 641 29.70 44.58 -47.48
C LYS A 641 29.01 44.61 -46.11
N LYS A 642 27.82 44.03 -46.00
CA LYS A 642 27.08 44.00 -44.73
C LYS A 642 27.58 42.88 -43.83
N PHE A 643 27.87 41.74 -44.45
CA PHE A 643 28.41 40.62 -43.71
C PHE A 643 29.75 40.99 -43.07
N ASN A 644 30.55 41.79 -43.77
CA ASN A 644 31.79 42.29 -43.17
C ASN A 644 31.56 43.00 -41.85
N ARG A 645 30.62 43.94 -41.84
CA ARG A 645 30.28 44.64 -40.60
C ARG A 645 29.80 43.65 -39.55
N ILE A 646 28.94 42.71 -39.94
CA ILE A 646 28.45 41.74 -38.96
C ILE A 646 29.57 40.94 -38.32
N CYS A 647 30.55 40.55 -39.11
CA CYS A 647 31.68 39.74 -38.64
C CYS A 647 32.59 40.54 -37.74
N ASP A 648 32.66 41.85 -37.99
CA ASP A 648 33.46 42.75 -37.14
C ASP A 648 32.80 43.03 -35.78
N LYS A 649 31.50 43.29 -35.79
CA LYS A 649 30.77 43.57 -34.54
C LYS A 649 30.57 42.30 -33.72
N SER A 650 30.90 41.15 -34.33
CA SER A 650 30.62 39.82 -33.75
C SER A 650 31.43 39.41 -32.51
N MET A 651 32.56 40.07 -32.27
CA MET A 651 33.38 39.80 -31.11
C MET A 651 33.92 38.39 -31.09
N ILE A 652 33.97 37.78 -32.28
CA ILE A 652 34.58 36.47 -32.47
C ILE A 652 35.89 36.64 -33.25
N LYS A 653 36.89 35.84 -32.89
CA LYS A 653 38.21 35.99 -33.48
C LYS A 653 38.47 34.85 -34.41
N LYS A 654 38.39 33.62 -33.87
CA LYS A 654 38.47 32.40 -34.66
C LYS A 654 37.28 31.46 -34.35
N ARG A 655 37.07 30.42 -35.17
CA ARG A 655 36.06 29.41 -34.87
C ARG A 655 36.50 28.08 -35.46
N TYR A 656 36.14 26.96 -34.82
CA TYR A 656 36.57 25.66 -35.33
C TYR A 656 35.42 24.98 -36.00
N ILE A 657 35.64 24.60 -37.25
CA ILE A 657 34.55 24.23 -38.14
C ILE A 657 34.85 22.99 -38.95
N HIS A 658 34.04 21.95 -38.74
CA HIS A 658 34.20 20.69 -39.46
C HIS A 658 34.04 20.85 -40.96
N LEU A 659 33.03 21.60 -41.37
CA LEU A 659 32.73 21.79 -42.78
C LEU A 659 33.89 22.48 -43.49
N THR A 660 34.31 21.92 -44.63
CA THR A 660 35.49 22.42 -45.34
C THR A 660 35.14 22.81 -46.77
N GLU A 661 36.00 23.59 -47.43
CA GLU A 661 35.75 23.98 -48.81
C GLU A 661 35.59 22.75 -49.72
N GLU A 662 36.45 21.75 -49.54
CA GLU A 662 36.37 20.52 -50.30
C GLU A 662 34.98 19.87 -50.23
N MET A 663 34.42 19.81 -49.03
CA MET A 663 33.09 19.24 -48.82
C MET A 663 32.02 20.00 -49.60
N LEU A 664 32.19 21.30 -49.75
CA LEU A 664 31.23 22.11 -50.47
C LEU A 664 31.43 21.99 -51.98
N GLU A 665 32.64 21.61 -52.39
CA GLU A 665 32.88 21.32 -53.80
C GLU A 665 32.13 20.05 -54.12
N GLU A 666 32.17 19.11 -53.18
CA GLU A 666 31.52 17.82 -53.38
C GLU A 666 30.00 17.83 -53.13
N HIS A 667 29.52 18.81 -52.39
CA HIS A 667 28.10 18.85 -52.01
C HIS A 667 27.52 20.26 -52.05
N PRO A 668 27.51 20.87 -53.23
CA PRO A 668 27.12 22.27 -53.44
C PRO A 668 25.74 22.64 -52.91
N ASN A 669 24.86 21.65 -52.77
CA ASN A 669 23.53 21.86 -52.21
C ASN A 669 23.55 22.36 -50.78
N ILE A 670 24.65 22.08 -50.08
CA ILE A 670 24.85 22.57 -48.73
C ILE A 670 25.11 24.07 -48.79
N GLY A 671 25.88 24.51 -49.78
CA GLY A 671 26.21 25.92 -49.93
C GLY A 671 25.10 26.73 -50.55
N ALA A 672 24.29 26.09 -51.39
CA ALA A 672 23.09 26.71 -51.95
C ALA A 672 22.25 27.29 -50.83
N TYR A 673 21.71 28.50 -51.04
CA TYR A 673 20.84 29.12 -50.03
C TYR A 673 19.70 28.17 -49.69
N MET A 674 18.85 27.87 -50.67
CA MET A 674 17.92 26.75 -50.49
C MET A 674 17.86 25.75 -51.61
N ALA A 675 18.40 24.57 -51.33
CA ALA A 675 18.39 23.42 -52.22
C ALA A 675 18.29 22.26 -51.27
N PRO A 676 17.65 21.15 -51.68
CA PRO A 676 17.56 20.10 -50.67
C PRO A 676 18.94 19.57 -50.26
N SER A 677 19.29 19.83 -49.00
CA SER A 677 20.51 19.33 -48.39
C SER A 677 20.32 18.30 -47.31
N LEU A 678 19.09 18.01 -46.90
CA LEU A 678 18.96 17.35 -45.60
C LEU A 678 19.71 16.03 -45.48
N ASN A 679 19.52 15.18 -46.48
CA ASN A 679 20.11 13.86 -46.46
C ASN A 679 21.60 13.89 -46.21
N ILE A 680 22.31 14.69 -47.00
CA ILE A 680 23.77 14.73 -46.89
C ILE A 680 24.24 15.28 -45.55
N ARG A 681 23.60 16.34 -45.09
CA ARG A 681 23.89 16.90 -43.79
C ARG A 681 23.75 15.85 -42.68
N GLN A 682 22.63 15.13 -42.70
CA GLN A 682 22.38 14.06 -41.76
C GLN A 682 23.48 12.99 -41.82
N GLU A 683 23.89 12.61 -43.02
CA GLU A 683 24.96 11.61 -43.19
C GLU A 683 26.25 12.06 -42.52
N ILE A 684 26.57 13.34 -42.69
CA ILE A 684 27.78 13.91 -42.12
C ILE A 684 27.71 14.04 -40.58
N ILE A 685 26.68 14.69 -40.07
CA ILE A 685 26.60 14.90 -38.62
C ILE A 685 26.29 13.67 -37.77
N THR A 686 25.62 12.67 -38.31
CA THR A 686 25.37 11.47 -37.52
C THR A 686 26.65 10.71 -37.27
N ALA A 687 27.58 10.81 -38.22
CA ALA A 687 28.90 10.23 -38.04
C ALA A 687 29.82 11.10 -37.20
N GLU A 688 29.78 12.42 -37.43
CA GLU A 688 30.74 13.33 -36.78
C GLU A 688 30.46 13.69 -35.34
N VAL A 689 29.20 13.96 -35.03
CA VAL A 689 28.84 14.37 -33.67
C VAL A 689 29.29 13.40 -32.57
N PRO A 690 29.03 12.09 -32.75
CA PRO A 690 29.55 11.12 -31.78
C PRO A 690 31.09 11.11 -31.71
N LYS A 691 31.80 11.24 -32.82
CA LYS A 691 33.27 11.23 -32.79
C LYS A 691 33.85 12.41 -32.00
N LEU A 692 33.38 13.61 -32.29
CA LEU A 692 33.82 14.82 -31.59
C LEU A 692 33.48 14.71 -30.09
N GLY A 693 32.26 14.22 -29.85
CA GLY A 693 31.81 13.89 -28.52
C GLY A 693 32.77 12.97 -27.80
N LYS A 694 33.13 11.86 -28.45
CA LYS A 694 34.10 10.92 -27.89
C LYS A 694 35.41 11.61 -27.52
N GLU A 695 35.92 12.46 -28.40
CA GLU A 695 37.19 13.14 -28.12
C GLU A 695 37.12 13.89 -26.79
N ALA A 696 36.04 14.66 -26.63
CA ALA A 696 35.88 15.43 -25.39
C ALA A 696 35.63 14.55 -24.16
N ALA A 697 34.72 13.59 -24.31
CA ALA A 697 34.41 12.65 -23.25
C ALA A 697 35.67 11.98 -22.76
N LEU A 698 36.58 11.67 -23.68
CA LEU A 698 37.82 11.00 -23.34
C LEU A 698 38.73 11.90 -22.53
N LYS A 699 38.86 13.16 -22.93
CA LYS A 699 39.60 14.07 -22.05
C LYS A 699 39.03 14.11 -20.62
N ALA A 700 37.72 14.33 -20.50
CA ALA A 700 37.09 14.36 -19.18
C ALA A 700 37.32 13.09 -18.35
N LEU A 701 37.16 11.94 -18.99
CA LEU A 701 37.38 10.65 -18.32
C LEU A 701 38.83 10.47 -17.88
N LYS A 702 39.76 10.99 -18.68
CA LYS A 702 41.17 10.94 -18.28
C LYS A 702 41.40 11.80 -17.04
N GLU A 703 40.86 13.02 -17.04
CA GLU A 703 40.98 13.85 -15.83
C GLU A 703 40.39 13.17 -14.61
N TRP A 704 39.24 12.54 -14.78
CA TRP A 704 38.55 11.94 -13.64
C TRP A 704 39.36 10.78 -13.06
N GLY A 705 39.93 9.98 -13.94
CA GLY A 705 40.85 8.93 -13.51
C GLY A 705 40.30 7.61 -13.03
N GLN A 706 38.98 7.50 -12.91
CA GLN A 706 38.41 6.21 -12.51
C GLN A 706 37.98 5.40 -13.74
N PRO A 707 37.53 4.14 -13.53
CA PRO A 707 37.14 3.24 -14.61
C PRO A 707 35.84 3.63 -15.31
N LYS A 708 35.77 3.43 -16.62
CA LYS A 708 34.57 3.68 -17.42
C LYS A 708 33.34 2.92 -16.88
N SER A 709 33.60 1.79 -16.23
CA SER A 709 32.52 0.94 -15.73
C SER A 709 31.79 1.63 -14.59
N LYS A 710 32.45 2.60 -13.97
CA LYS A 710 31.84 3.34 -12.87
C LYS A 710 30.91 4.46 -13.38
N ILE A 711 30.90 4.71 -14.69
CA ILE A 711 29.96 5.65 -15.30
C ILE A 711 28.58 4.99 -15.41
N THR A 712 27.61 5.55 -14.70
CA THR A 712 26.28 4.94 -14.63
C THR A 712 25.22 5.56 -15.54
N HIS A 713 25.48 6.78 -16.01
CA HIS A 713 24.51 7.53 -16.80
C HIS A 713 25.21 8.32 -17.87
N LEU A 714 24.58 8.43 -19.03
CA LEU A 714 25.10 9.24 -20.11
C LEU A 714 24.03 10.19 -20.66
N VAL A 715 24.28 11.49 -20.53
CA VAL A 715 23.39 12.50 -21.09
C VAL A 715 24.08 13.07 -22.31
N PHE A 716 23.45 12.94 -23.46
CA PHE A 716 24.02 13.43 -24.71
C PHE A 716 23.11 14.45 -25.38
N CYS A 717 23.61 15.66 -25.50
CA CYS A 717 22.91 16.72 -26.20
C CYS A 717 23.58 17.05 -27.56
N THR A 718 22.77 17.13 -28.61
CA THR A 718 23.23 17.68 -29.88
C THR A 718 22.05 18.34 -30.54
N THR A 719 22.31 19.36 -31.36
CA THR A 719 21.23 20.11 -31.97
C THR A 719 20.51 19.33 -33.07
N SER A 720 21.25 18.62 -33.92
CA SER A 720 20.54 17.75 -34.84
C SER A 720 21.29 16.47 -35.20
N GLY A 721 20.76 15.73 -36.17
CA GLY A 721 21.35 14.46 -36.49
C GLY A 721 20.52 13.35 -35.94
N VAL A 722 19.26 13.69 -35.71
CA VAL A 722 18.31 12.72 -35.20
C VAL A 722 18.41 11.43 -36.01
N GLU A 723 18.43 10.32 -35.30
CA GLU A 723 18.44 9.01 -35.92
C GLU A 723 18.36 8.04 -34.76
N MET A 724 17.93 6.82 -35.05
CA MET A 724 17.77 5.85 -34.00
C MET A 724 18.27 4.51 -34.46
N PRO A 725 19.05 3.83 -33.61
CA PRO A 725 19.51 4.31 -32.31
C PRO A 725 20.25 5.63 -32.48
N GLY A 726 20.28 6.45 -31.42
CA GLY A 726 20.83 7.79 -31.54
C GLY A 726 22.29 7.94 -31.13
N ALA A 727 22.69 9.19 -30.94
CA ALA A 727 24.07 9.53 -30.62
C ALA A 727 24.49 8.99 -29.26
N ASP A 728 23.52 8.75 -28.38
CA ASP A 728 23.79 8.21 -27.05
C ASP A 728 24.30 6.77 -27.14
N TYR A 729 23.58 5.95 -27.90
CA TYR A 729 23.99 4.59 -28.22
C TYR A 729 25.39 4.60 -28.84
N LYS A 730 25.54 5.42 -29.88
CA LYS A 730 26.76 5.43 -30.65
C LYS A 730 27.97 5.81 -29.81
N LEU A 731 27.80 6.86 -29.01
CA LEU A 731 28.90 7.33 -28.16
C LEU A 731 29.20 6.29 -27.11
N ALA A 732 28.16 5.66 -26.58
CA ALA A 732 28.36 4.66 -25.55
C ALA A 732 29.13 3.44 -26.06
N ASN A 733 28.99 3.12 -27.35
CA ASN A 733 29.79 2.04 -27.91
C ASN A 733 31.19 2.46 -28.27
N LEU A 734 31.34 3.69 -28.74
CA LEU A 734 32.68 4.23 -28.95
C LEU A 734 33.52 4.19 -27.67
N LEU A 735 32.96 4.70 -26.58
CA LEU A 735 33.65 4.71 -25.28
C LEU A 735 33.77 3.35 -24.58
N GLY A 736 32.97 2.38 -24.99
CA GLY A 736 32.98 1.09 -24.34
C GLY A 736 32.38 1.16 -22.94
N LEU A 737 31.33 1.95 -22.79
CA LEU A 737 30.61 2.02 -21.52
C LEU A 737 29.81 0.74 -21.33
N GLU A 738 29.41 0.48 -20.08
CA GLU A 738 28.55 -0.66 -19.77
C GLU A 738 27.19 -0.49 -20.48
N PRO A 739 26.69 -1.57 -21.10
CA PRO A 739 25.42 -1.44 -21.84
C PRO A 739 24.26 -1.04 -20.93
N SER A 740 24.47 -1.17 -19.63
CA SER A 740 23.49 -0.84 -18.58
C SER A 740 23.52 0.65 -18.20
N VAL A 741 24.37 1.39 -18.87
CA VAL A 741 24.41 2.83 -18.70
C VAL A 741 23.02 3.37 -19.08
N ARG A 742 22.51 4.28 -18.27
CA ARG A 742 21.17 4.84 -18.47
C ARG A 742 21.35 6.15 -19.22
N ARG A 743 20.68 6.27 -20.37
CA ARG A 743 20.93 7.37 -21.29
C ARG A 743 19.78 8.35 -21.33
N VAL A 744 20.11 9.58 -21.70
CA VAL A 744 19.11 10.57 -22.03
C VAL A 744 19.57 11.18 -23.34
N MET A 745 18.77 11.06 -24.39
CA MET A 745 19.13 11.64 -25.66
C MET A 745 18.37 12.95 -25.92
N LEU A 746 19.10 14.07 -25.84
CA LEU A 746 18.50 15.37 -26.08
C LEU A 746 18.82 15.84 -27.48
N TYR A 747 17.78 15.86 -28.31
CA TYR A 747 17.86 16.22 -29.71
C TYR A 747 17.06 17.51 -29.93
N HIS A 748 17.60 18.42 -30.72
CA HIS A 748 16.86 19.62 -31.10
C HIS A 748 16.42 20.52 -29.96
N GLN A 749 17.20 20.56 -28.86
CA GLN A 749 16.98 21.46 -27.70
C GLN A 749 17.25 23.00 -27.83
N GLY A 750 18.42 23.38 -28.36
CA GLY A 750 18.74 24.74 -28.72
C GLY A 750 19.96 25.21 -27.94
N CYS A 751 20.23 26.51 -27.98
CA CYS A 751 21.37 27.07 -27.28
C CYS A 751 21.21 27.03 -25.76
N TYR A 752 19.99 26.77 -25.28
CA TYR A 752 19.76 26.77 -23.82
C TYR A 752 20.14 25.45 -23.18
N ALA A 753 20.32 24.43 -24.01
CA ALA A 753 20.49 23.06 -23.53
C ALA A 753 21.71 22.89 -22.62
N GLY A 754 22.60 23.88 -22.64
CA GLY A 754 23.73 23.88 -21.76
C GLY A 754 23.28 23.78 -20.32
N GLY A 755 22.32 24.63 -19.94
CA GLY A 755 21.67 24.52 -18.64
C GLY A 755 20.95 23.19 -18.53
N THR A 756 20.21 22.83 -19.58
CA THR A 756 19.35 21.66 -19.52
C THR A 756 20.08 20.40 -19.07
N VAL A 757 21.19 20.08 -19.73
CA VAL A 757 21.99 18.91 -19.36
C VAL A 757 22.47 18.95 -17.91
N LEU A 758 22.91 20.11 -17.44
CA LEU A 758 23.30 20.20 -16.04
C LEU A 758 22.09 19.90 -15.15
N ARG A 759 20.97 20.55 -15.45
CA ARG A 759 19.73 20.33 -14.71
C ARG A 759 19.38 18.84 -14.72
N THR A 760 19.69 18.20 -15.83
CA THR A 760 19.33 16.80 -16.02
C THR A 760 20.22 15.91 -15.16
N ALA A 761 21.50 16.30 -15.06
CA ALA A 761 22.52 15.47 -14.42
C ALA A 761 22.42 15.60 -12.92
N LYS A 762 22.13 16.82 -12.47
CA LYS A 762 21.89 17.07 -11.06
C LYS A 762 20.94 16.00 -10.53
N ASP A 763 19.70 16.01 -11.03
CA ASP A 763 18.70 15.04 -10.58
C ASP A 763 19.14 13.57 -10.76
N LEU A 764 19.90 13.27 -11.80
CA LEU A 764 20.32 11.88 -12.00
C LEU A 764 21.31 11.49 -10.92
N ALA A 765 22.25 12.41 -10.62
CA ALA A 765 23.37 12.15 -9.70
C ALA A 765 22.91 12.14 -8.26
N GLU A 766 22.05 13.10 -7.95
CA GLU A 766 21.55 13.31 -6.61
C GLU A 766 20.62 12.20 -6.16
N ASN A 767 19.92 11.59 -7.12
CA ASN A 767 18.96 10.55 -6.79
C ASN A 767 19.47 9.12 -6.92
N ASN A 768 20.73 8.94 -7.29
CA ASN A 768 21.25 7.58 -7.40
C ASN A 768 22.59 7.32 -6.73
N ALA A 769 22.57 6.41 -5.79
CA ALA A 769 23.73 6.14 -4.97
C ALA A 769 24.89 5.73 -5.85
N GLY A 770 26.00 6.46 -5.74
CA GLY A 770 27.21 6.13 -6.48
C GLY A 770 27.07 6.40 -7.96
N ALA A 771 26.02 7.12 -8.33
CA ALA A 771 25.82 7.48 -9.72
C ALA A 771 26.86 8.52 -10.14
N ARG A 772 27.59 8.18 -11.19
CA ARG A 772 28.45 9.12 -11.90
C ARG A 772 27.89 9.32 -13.33
N VAL A 773 27.66 10.59 -13.67
CA VAL A 773 26.97 10.95 -14.89
C VAL A 773 27.90 11.63 -15.91
N LEU A 774 28.07 10.99 -17.07
CA LEU A 774 28.82 11.57 -18.19
C LEU A 774 27.92 12.41 -19.08
N VAL A 775 28.18 13.71 -19.13
CA VAL A 775 27.38 14.64 -19.93
C VAL A 775 28.19 15.11 -21.13
N VAL A 776 27.66 14.97 -22.34
CA VAL A 776 28.39 15.35 -23.54
C VAL A 776 27.53 16.21 -24.43
N CYS A 777 27.96 17.44 -24.66
CA CYS A 777 27.37 18.25 -25.72
C CYS A 777 28.32 18.29 -26.91
N SER A 778 27.79 18.06 -28.09
CA SER A 778 28.59 18.06 -29.28
C SER A 778 27.85 18.79 -30.41
N GLU A 779 28.41 19.90 -30.88
CA GLU A 779 27.78 20.66 -31.96
C GLU A 779 28.60 20.74 -33.26
N ILE A 780 27.94 20.47 -34.38
CA ILE A 780 28.52 20.58 -35.72
C ILE A 780 27.63 21.51 -36.54
N THR A 781 28.20 22.48 -37.25
CA THR A 781 27.39 23.46 -37.97
C THR A 781 27.04 23.06 -39.39
N VAL A 782 27.37 21.85 -39.81
CA VAL A 782 26.95 21.42 -41.13
C VAL A 782 25.43 21.29 -41.14
N VAL A 783 24.84 21.21 -39.96
CA VAL A 783 23.39 21.11 -39.87
C VAL A 783 22.80 22.44 -40.27
N THR A 784 23.50 23.49 -39.88
CA THR A 784 23.00 24.84 -39.94
C THR A 784 23.51 25.71 -41.10
N PHE A 785 24.51 25.22 -41.83
CA PHE A 785 25.21 26.03 -42.81
C PHE A 785 24.41 26.22 -44.08
N ARG A 786 24.31 27.44 -44.56
CA ARG A 786 23.75 27.68 -45.89
C ARG A 786 24.22 28.99 -46.51
N GLY A 787 24.05 29.12 -47.83
CA GLY A 787 24.39 30.34 -48.53
C GLY A 787 23.57 31.54 -48.08
N PRO A 788 24.00 32.75 -48.47
CA PRO A 788 23.30 33.98 -48.13
C PRO A 788 22.10 34.32 -49.04
N SER A 789 21.11 35.01 -48.48
CA SER A 789 20.06 35.63 -49.27
C SER A 789 19.84 37.07 -48.79
N GLU A 790 19.57 37.98 -49.72
CA GLU A 790 19.33 39.38 -49.35
C GLU A 790 18.16 39.48 -48.36
N ASP A 791 17.31 38.45 -48.36
CA ASP A 791 16.10 38.37 -47.53
C ASP A 791 16.36 38.07 -46.07
N ALA A 792 16.91 36.89 -45.79
CA ALA A 792 17.07 36.49 -44.40
C ALA A 792 18.43 36.93 -43.89
N LEU A 793 18.40 38.01 -43.11
CA LEU A 793 19.60 38.57 -42.49
C LEU A 793 19.92 37.81 -41.22
N ASP A 794 18.86 37.37 -40.55
CA ASP A 794 19.00 36.52 -39.38
C ASP A 794 19.88 35.28 -39.66
N SER A 795 19.66 34.63 -40.79
CA SER A 795 20.50 33.50 -41.17
C SER A 795 21.97 33.92 -41.34
N LEU A 796 22.19 35.15 -41.79
CA LEU A 796 23.55 35.65 -42.01
C LEU A 796 24.29 35.87 -40.69
N VAL A 797 23.61 36.55 -39.78
CA VAL A 797 24.15 36.72 -38.44
C VAL A 797 24.53 35.36 -37.91
N GLY A 798 23.62 34.39 -38.03
CA GLY A 798 23.91 33.03 -37.62
C GLY A 798 25.19 32.47 -38.21
N GLN A 799 25.36 32.64 -39.53
CA GLN A 799 26.55 32.13 -40.22
C GLN A 799 27.84 32.73 -39.69
N ALA A 800 27.74 33.96 -39.16
CA ALA A 800 28.90 34.61 -38.55
C ALA A 800 29.19 34.18 -37.12
N LEU A 801 28.15 33.86 -36.35
CA LEU A 801 28.33 33.41 -34.95
C LEU A 801 28.63 31.93 -34.67
N PHE A 802 27.95 31.00 -35.34
CA PHE A 802 27.98 29.59 -34.92
C PHE A 802 29.25 28.85 -35.30
N GLY A 803 29.76 28.05 -34.38
CA GLY A 803 30.89 27.18 -34.70
C GLY A 803 30.80 25.84 -34.00
N ASP A 804 31.53 24.85 -34.52
CA ASP A 804 31.53 23.48 -34.01
C ASP A 804 32.35 23.35 -32.72
N GLY A 805 32.02 22.34 -31.91
CA GLY A 805 32.71 22.13 -30.65
C GLY A 805 32.02 21.10 -29.79
N SER A 806 32.72 20.58 -28.80
CA SER A 806 32.16 19.57 -27.91
C SER A 806 32.75 19.70 -26.50
N ALA A 807 31.90 19.53 -25.49
CA ALA A 807 32.36 19.51 -24.10
C ALA A 807 31.74 18.37 -23.33
N ALA A 808 32.50 17.83 -22.39
CA ALA A 808 32.09 16.68 -21.61
C ALA A 808 32.35 16.95 -20.14
N VAL A 809 31.36 16.65 -19.32
CA VAL A 809 31.42 16.89 -17.89
C VAL A 809 31.11 15.60 -17.15
N ILE A 810 31.82 15.34 -16.07
CA ILE A 810 31.43 14.25 -15.21
C ILE A 810 30.84 14.79 -13.91
N VAL A 811 29.62 14.36 -13.61
CA VAL A 811 28.86 14.89 -12.49
C VAL A 811 28.50 13.78 -11.53
N GLY A 812 28.80 13.95 -10.25
CA GLY A 812 28.38 12.98 -9.28
C GLY A 812 28.07 13.54 -7.93
N SER A 813 27.52 12.71 -7.06
CA SER A 813 27.29 13.09 -5.68
C SER A 813 28.27 12.35 -4.77
N ASP A 814 28.52 12.87 -3.57
CA ASP A 814 29.40 12.21 -2.59
C ASP A 814 30.83 11.82 -3.02
N PRO A 815 31.60 12.79 -3.52
CA PRO A 815 32.93 12.55 -4.08
C PRO A 815 33.84 11.78 -3.11
N ASP A 816 34.59 10.78 -3.57
CA ASP A 816 35.41 10.02 -2.63
C ASP A 816 36.48 10.87 -1.93
N ILE A 817 37.15 11.71 -2.72
CA ILE A 817 38.20 12.58 -2.20
C ILE A 817 39.54 11.85 -2.02
N SER A 818 39.63 10.62 -2.52
CA SER A 818 40.90 9.93 -2.59
C SER A 818 41.61 10.31 -3.89
N ILE A 819 40.85 10.30 -4.98
CA ILE A 819 41.37 10.67 -6.29
C ILE A 819 40.53 11.77 -6.94
N GLU A 820 39.25 11.79 -6.59
CA GLU A 820 38.30 12.74 -7.15
C GLU A 820 38.57 14.17 -6.69
N ARG A 821 38.32 15.13 -7.58
CA ARG A 821 38.52 16.54 -7.23
C ARG A 821 37.34 17.37 -7.68
N PRO A 822 36.55 17.81 -6.71
CA PRO A 822 35.36 18.58 -7.05
C PRO A 822 35.72 19.95 -7.63
N LEU A 823 35.09 20.30 -8.76
CA LEU A 823 35.28 21.59 -9.41
C LEU A 823 34.16 22.60 -9.10
N PHE A 824 32.90 22.20 -9.26
CA PHE A 824 31.75 23.02 -8.88
C PHE A 824 30.65 22.19 -8.23
N GLN A 825 29.70 22.88 -7.61
CA GLN A 825 28.51 22.22 -7.11
C GLN A 825 27.28 22.78 -7.78
N LEU A 826 26.37 21.88 -8.14
CA LEU A 826 25.07 22.26 -8.68
C LEU A 826 24.08 22.34 -7.53
N VAL A 827 23.66 23.56 -7.23
CA VAL A 827 22.83 23.81 -6.05
C VAL A 827 21.36 23.78 -6.37
N SER A 828 20.95 24.66 -7.28
CA SER A 828 19.57 24.71 -7.78
C SER A 828 19.55 24.82 -9.31
N ALA A 829 18.56 24.20 -9.94
CA ALA A 829 18.42 24.33 -11.39
C ALA A 829 16.99 24.69 -11.79
N ALA A 830 16.86 25.72 -12.60
CA ALA A 830 15.55 26.31 -12.89
C ALA A 830 15.38 26.58 -14.37
N GLN A 831 14.16 26.45 -14.85
CA GLN A 831 13.87 26.81 -16.24
C GLN A 831 12.60 27.67 -16.31
N THR A 832 12.55 28.51 -17.33
CA THR A 832 11.37 29.33 -17.63
C THR A 832 11.35 29.69 -19.11
N PHE A 833 10.16 29.89 -19.66
CA PHE A 833 10.08 30.53 -20.96
C PHE A 833 9.45 31.91 -20.80
N ILE A 834 9.84 32.83 -21.66
CA ILE A 834 9.26 34.16 -21.71
C ILE A 834 8.00 34.23 -22.60
N PRO A 835 7.01 35.05 -22.20
CA PRO A 835 5.76 35.06 -22.96
C PRO A 835 5.86 35.87 -24.26
N ASN A 836 5.13 35.42 -25.29
CA ASN A 836 5.13 36.08 -26.60
C ASN A 836 6.52 36.17 -27.22
N SER A 837 7.44 35.32 -26.78
CA SER A 837 8.74 35.25 -27.45
C SER A 837 8.96 34.01 -28.32
N ALA A 838 8.01 33.08 -28.33
CA ALA A 838 8.11 31.92 -29.20
C ALA A 838 8.26 32.43 -30.60
N GLY A 839 9.28 31.99 -31.31
CA GLY A 839 9.53 32.58 -32.60
C GLY A 839 10.62 33.64 -32.62
N ALA A 840 11.15 33.99 -31.45
CA ALA A 840 12.27 34.93 -31.34
C ALA A 840 13.64 34.30 -31.56
N ILE A 841 13.81 33.09 -31.05
CA ILE A 841 14.91 32.23 -31.42
C ILE A 841 14.12 31.04 -31.91
N ALA A 842 14.30 30.64 -33.17
CA ALA A 842 13.48 29.52 -33.64
C ALA A 842 14.04 28.77 -34.82
N GLY A 843 13.79 27.45 -34.89
CA GLY A 843 14.26 26.71 -36.04
C GLY A 843 13.40 25.52 -36.44
N ASN A 844 13.47 25.21 -37.75
CA ASN A 844 12.59 24.24 -38.38
C ASN A 844 13.41 23.30 -39.23
N LEU A 845 13.23 21.99 -39.05
CA LEU A 845 13.94 21.01 -39.85
C LEU A 845 13.16 20.76 -41.13
N ARG A 846 13.78 21.07 -42.26
CA ARG A 846 13.13 21.01 -43.57
C ARG A 846 13.97 20.16 -44.50
N GLU A 847 13.56 20.04 -45.75
CA GLU A 847 14.32 19.24 -46.70
C GLU A 847 15.60 19.98 -47.12
N VAL A 848 15.68 21.25 -46.75
CA VAL A 848 16.87 22.06 -47.03
C VAL A 848 17.84 22.09 -45.86
N GLY A 849 17.55 21.36 -44.81
CA GLY A 849 18.36 21.40 -43.60
C GLY A 849 17.66 22.18 -42.51
N LEU A 850 18.31 22.34 -41.38
CA LEU A 850 17.74 23.14 -40.29
C LEU A 850 17.84 24.62 -40.64
N THR A 851 16.72 25.31 -40.66
CA THR A 851 16.77 26.75 -40.85
C THR A 851 16.51 27.39 -39.51
N PHE A 852 17.15 28.52 -39.25
CA PHE A 852 16.90 29.22 -38.01
C PHE A 852 16.60 30.71 -38.23
N HIS A 853 15.97 31.32 -37.23
CA HIS A 853 15.44 32.69 -37.27
C HIS A 853 15.67 33.41 -35.94
N LEU A 854 15.94 34.71 -36.04
CA LEU A 854 16.17 35.59 -34.90
C LEU A 854 15.34 36.87 -34.98
N TRP A 855 14.81 37.29 -33.84
CA TRP A 855 14.21 38.62 -33.74
C TRP A 855 15.29 39.59 -33.34
N PRO A 856 15.21 40.81 -33.86
CA PRO A 856 16.19 41.82 -33.46
C PRO A 856 16.16 42.09 -31.96
N ASN A 857 15.03 41.77 -31.32
CA ASN A 857 14.80 42.14 -29.93
C ASN A 857 15.22 41.11 -28.89
N VAL A 858 15.89 40.06 -29.33
CA VAL A 858 16.32 39.01 -28.40
C VAL A 858 17.11 39.57 -27.22
N PRO A 859 18.13 40.40 -27.50
CA PRO A 859 18.88 40.92 -26.35
C PRO A 859 17.97 41.61 -25.33
N THR A 860 17.08 42.46 -25.82
CA THR A 860 16.14 43.15 -24.93
C THR A 860 15.23 42.17 -24.17
N LEU A 861 14.70 41.19 -24.88
CA LEU A 861 13.82 40.20 -24.27
C LEU A 861 14.49 39.43 -23.13
N ILE A 862 15.76 39.07 -23.32
CA ILE A 862 16.54 38.43 -22.25
C ILE A 862 16.75 39.37 -21.06
N SER A 863 17.29 40.56 -21.34
CA SER A 863 17.53 41.56 -20.32
C SER A 863 16.31 41.84 -19.43
N GLU A 864 15.13 41.86 -20.04
CA GLU A 864 13.94 42.03 -19.24
C GLU A 864 13.85 40.98 -18.13
N ASN A 865 13.97 39.70 -18.50
CA ASN A 865 13.68 38.62 -17.54
C ASN A 865 14.84 38.11 -16.67
N VAL A 866 16.07 38.49 -17.02
CA VAL A 866 17.23 37.99 -16.28
C VAL A 866 17.16 38.26 -14.77
N GLU A 867 16.77 39.46 -14.39
CA GLU A 867 16.74 39.85 -12.99
C GLU A 867 15.75 38.99 -12.22
N LYS A 868 14.54 38.82 -12.77
CA LYS A 868 13.53 37.96 -12.16
C LYS A 868 14.10 36.55 -11.96
N CYS A 869 14.81 36.03 -12.97
CA CYS A 869 15.41 34.71 -12.85
C CYS A 869 16.32 34.65 -11.64
N LEU A 870 17.10 35.71 -11.50
CA LEU A 870 18.07 35.81 -10.42
C LEU A 870 17.43 35.85 -9.04
N THR A 871 16.54 36.82 -8.80
CA THR A 871 15.86 36.86 -7.50
C THR A 871 15.18 35.52 -7.24
N GLN A 872 14.60 34.92 -8.27
CA GLN A 872 13.89 33.66 -8.11
C GLN A 872 14.83 32.58 -7.58
N ALA A 873 16.04 32.53 -8.14
CA ALA A 873 17.01 31.52 -7.74
C ALA A 873 17.75 31.81 -6.43
N PHE A 874 18.13 33.08 -6.23
CA PHE A 874 18.96 33.51 -5.09
C PHE A 874 18.24 34.07 -3.86
N ASP A 875 16.95 34.34 -3.96
CA ASP A 875 16.24 34.88 -2.83
C ASP A 875 16.27 33.88 -1.68
N PRO A 876 16.07 32.58 -1.99
CA PRO A 876 16.19 31.55 -0.95
C PRO A 876 17.57 31.50 -0.31
N LEU A 877 18.59 32.01 -1.00
CA LEU A 877 19.95 32.04 -0.46
C LEU A 877 20.34 33.41 0.12
N GLY A 878 19.40 34.35 0.12
CA GLY A 878 19.62 35.68 0.68
C GLY A 878 20.71 36.52 0.03
N ILE A 879 20.84 36.41 -1.29
CA ILE A 879 21.84 37.15 -2.05
C ILE A 879 21.20 38.15 -3.01
N SER A 880 21.34 39.44 -2.72
CA SER A 880 20.86 40.47 -3.64
C SER A 880 21.92 41.03 -4.59
N ASP A 881 23.19 40.78 -4.32
CA ASP A 881 24.28 41.49 -4.99
C ASP A 881 24.88 40.63 -6.06
N TRP A 882 24.65 40.98 -7.32
CA TRP A 882 24.96 40.03 -8.40
C TRP A 882 26.39 40.12 -8.90
N ASN A 883 27.09 41.17 -8.47
CA ASN A 883 28.50 41.30 -8.79
C ASN A 883 29.35 40.49 -7.83
N SER A 884 28.70 39.83 -6.87
CA SER A 884 29.39 38.97 -5.93
C SER A 884 29.35 37.52 -6.38
N LEU A 885 28.66 37.28 -7.49
CA LEU A 885 28.58 35.95 -8.09
C LEU A 885 29.58 35.80 -9.22
N PHE A 886 30.18 34.61 -9.34
CA PHE A 886 30.93 34.30 -10.53
C PHE A 886 29.95 33.94 -11.63
N TRP A 887 30.20 34.45 -12.84
CA TRP A 887 29.20 34.39 -13.92
C TRP A 887 29.58 33.51 -15.07
N ILE A 888 28.59 32.76 -15.54
CA ILE A 888 28.69 32.03 -16.79
C ILE A 888 27.42 32.28 -17.59
N ALA A 889 27.55 32.95 -18.74
CA ALA A 889 26.40 33.18 -19.60
C ALA A 889 26.62 32.57 -20.97
N HIS A 890 25.59 31.99 -21.54
CA HIS A 890 25.66 31.57 -22.93
C HIS A 890 25.92 32.80 -23.80
N PRO A 891 27.06 32.82 -24.50
CA PRO A 891 27.42 33.93 -25.37
C PRO A 891 26.66 33.84 -26.69
N GLY A 892 25.33 33.85 -26.62
CA GLY A 892 24.49 33.75 -27.80
C GLY A 892 24.96 34.70 -28.87
N GLY A 893 25.22 35.93 -28.46
CA GLY A 893 25.81 36.94 -29.32
C GLY A 893 26.34 38.03 -28.41
N PRO A 894 27.33 38.81 -28.89
CA PRO A 894 27.85 39.84 -27.99
C PRO A 894 26.74 40.77 -27.53
N ALA A 895 25.74 40.98 -28.38
CA ALA A 895 24.67 41.93 -28.13
C ALA A 895 23.82 41.56 -26.91
N ILE A 896 23.54 40.26 -26.78
CA ILE A 896 22.92 39.72 -25.58
C ILE A 896 23.73 40.01 -24.29
N LEU A 897 25.02 39.67 -24.29
CA LEU A 897 25.92 39.97 -23.18
C LEU A 897 25.93 41.45 -22.78
N ASP A 898 26.21 42.32 -23.74
CA ASP A 898 26.22 43.76 -23.49
C ASP A 898 24.90 44.17 -22.83
N ALA A 899 23.79 43.72 -23.41
CA ALA A 899 22.46 44.00 -22.86
C ALA A 899 22.32 43.62 -21.39
N VAL A 900 22.67 42.37 -21.08
CA VAL A 900 22.58 41.88 -19.71
C VAL A 900 23.44 42.69 -18.74
N GLU A 901 24.72 42.88 -19.06
CA GLU A 901 25.63 43.60 -18.15
C GLU A 901 25.17 45.04 -17.96
N ALA A 902 24.73 45.68 -19.03
CA ALA A 902 24.21 47.03 -18.90
C ALA A 902 22.99 47.04 -17.99
N LYS A 903 22.15 46.02 -18.10
CA LYS A 903 20.91 45.98 -17.31
C LYS A 903 21.14 45.77 -15.80
N LEU A 904 22.04 44.85 -15.45
CA LEU A 904 22.28 44.58 -14.04
C LEU A 904 23.39 45.44 -13.48
N ASN A 905 24.06 46.20 -14.36
CA ASN A 905 25.25 46.98 -14.01
C ASN A 905 26.31 46.11 -13.40
N LEU A 906 26.81 45.18 -14.21
CA LEU A 906 27.84 44.24 -13.80
C LEU A 906 29.19 44.86 -14.00
N ASP A 907 30.14 44.56 -13.12
CA ASP A 907 31.52 45.02 -13.28
C ASP A 907 32.03 44.50 -14.63
N LYS A 908 32.89 45.26 -15.30
CA LYS A 908 33.23 44.98 -16.69
C LYS A 908 33.84 43.59 -16.81
N LYS A 909 34.33 43.08 -15.69
CA LYS A 909 35.09 41.83 -15.68
C LYS A 909 34.30 40.55 -15.34
N LYS A 910 33.00 40.66 -15.11
CA LYS A 910 32.23 39.47 -14.70
C LYS A 910 32.08 38.49 -15.85
N LEU A 911 31.81 39.05 -17.03
CA LEU A 911 31.60 38.28 -18.26
C LEU A 911 32.91 38.02 -19.02
N GLU A 912 34.04 38.30 -18.38
CA GLU A 912 35.37 38.09 -18.98
C GLU A 912 35.62 36.70 -19.54
N ALA A 913 35.31 35.67 -18.75
CA ALA A 913 35.50 34.28 -19.18
C ALA A 913 34.59 33.91 -20.34
N THR A 914 33.32 34.25 -20.17
CA THR A 914 32.31 34.05 -21.19
C THR A 914 32.76 34.64 -22.52
N ARG A 915 33.10 35.93 -22.49
CA ARG A 915 33.55 36.65 -23.68
C ARG A 915 34.84 36.06 -24.27
N HIS A 916 35.71 35.52 -23.42
CA HIS A 916 36.90 34.82 -23.91
C HIS A 916 36.52 33.60 -24.72
N VAL A 917 35.63 32.78 -24.19
CA VAL A 917 35.20 31.57 -24.89
C VAL A 917 34.52 31.94 -26.20
N LEU A 918 33.72 32.99 -26.17
CA LEU A 918 33.11 33.46 -27.41
C LEU A 918 34.19 33.89 -28.42
N SER A 919 35.11 34.73 -27.98
CA SER A 919 36.18 35.22 -28.85
C SER A 919 37.03 34.12 -29.48
N GLU A 920 37.40 33.11 -28.67
CA GLU A 920 38.23 32.01 -29.17
C GLU A 920 37.47 30.95 -29.96
N TYR A 921 36.28 30.56 -29.50
CA TYR A 921 35.52 29.46 -30.13
C TYR A 921 34.26 29.74 -30.97
N GLY A 922 33.78 30.97 -30.96
CA GLY A 922 32.44 31.28 -31.44
C GLY A 922 31.30 30.82 -30.52
N ASN A 923 30.09 30.77 -31.08
CA ASN A 923 28.91 30.23 -30.38
C ASN A 923 28.74 28.75 -30.75
N MET A 924 29.02 27.90 -29.75
CA MET A 924 28.96 26.46 -29.89
C MET A 924 27.62 25.93 -29.41
N SER A 925 26.65 26.82 -29.25
CA SER A 925 25.34 26.42 -28.77
C SER A 925 25.40 25.87 -27.35
N SER A 926 24.87 24.67 -27.15
CA SER A 926 24.84 24.05 -25.83
C SER A 926 26.21 23.86 -25.15
N ALA A 927 27.22 23.45 -25.90
CA ALA A 927 28.54 23.24 -25.32
C ALA A 927 29.16 24.49 -24.67
N CYS A 928 28.72 25.67 -25.09
CA CYS A 928 29.38 26.91 -24.68
C CYS A 928 29.63 27.07 -23.18
N VAL A 929 28.57 27.13 -22.39
CA VAL A 929 28.70 27.27 -20.94
C VAL A 929 29.67 26.24 -20.33
N LEU A 930 29.67 25.02 -20.87
CA LEU A 930 30.64 24.01 -20.45
C LEU A 930 32.11 24.47 -20.66
N PHE A 931 32.45 24.83 -21.90
CA PHE A 931 33.75 25.45 -22.15
C PHE A 931 34.04 26.54 -21.12
N ILE A 932 33.04 27.39 -20.83
CA ILE A 932 33.26 28.54 -19.98
C ILE A 932 33.63 28.10 -18.59
N LEU A 933 32.89 27.14 -18.04
CA LEU A 933 33.27 26.59 -16.74
C LEU A 933 34.72 26.15 -16.77
N ASP A 934 35.09 25.36 -17.79
CA ASP A 934 36.47 24.91 -17.95
C ASP A 934 37.40 26.12 -17.79
N GLU A 935 37.25 27.10 -18.68
CA GLU A 935 38.07 28.29 -18.63
C GLU A 935 38.12 28.86 -17.22
N MET A 936 36.94 29.07 -16.65
CA MET A 936 36.87 29.72 -15.35
C MET A 936 37.78 28.99 -14.37
N ARG A 937 37.57 27.68 -14.22
CA ARG A 937 38.34 26.97 -13.20
C ARG A 937 39.84 27.01 -13.50
N LYS A 938 40.19 26.82 -14.78
CA LYS A 938 41.58 26.90 -15.21
C LYS A 938 42.17 28.25 -14.81
N LYS A 939 41.47 29.36 -15.11
CA LYS A 939 42.05 30.68 -14.83
C LYS A 939 42.09 30.90 -13.34
N SER A 940 41.17 30.27 -12.61
CA SER A 940 41.16 30.48 -11.19
C SER A 940 42.33 29.75 -10.57
N LEU A 941 42.71 28.65 -11.19
CA LEU A 941 43.82 27.87 -10.66
C LEU A 941 45.12 28.52 -11.05
N LYS A 942 45.20 28.87 -12.33
CA LYS A 942 46.39 29.47 -12.91
C LYS A 942 46.78 30.74 -12.14
N GLY A 943 45.79 31.42 -11.56
CA GLY A 943 46.03 32.67 -10.86
C GLY A 943 45.94 32.59 -9.35
N GLU A 944 46.00 31.36 -8.83
CA GLU A 944 45.95 31.09 -7.40
C GLU A 944 44.85 31.85 -6.63
N ARG A 945 43.59 31.53 -6.89
CA ARG A 945 42.49 32.24 -6.26
C ARG A 945 41.78 31.32 -5.26
N ALA A 946 41.11 31.90 -4.27
CA ALA A 946 40.55 31.14 -3.14
C ALA A 946 39.59 30.00 -3.54
N THR A 947 38.88 30.18 -4.65
CA THR A 947 37.93 29.18 -5.12
C THR A 947 38.07 28.90 -6.62
N THR A 948 37.41 27.86 -7.10
CA THR A 948 37.41 27.51 -8.52
C THR A 948 36.52 28.49 -9.29
N GLY A 949 35.88 29.36 -8.52
CA GLY A 949 34.87 30.30 -8.97
C GLY A 949 35.36 31.73 -9.13
N GLU A 950 36.62 31.93 -9.49
CA GLU A 950 37.17 33.27 -9.61
C GLU A 950 37.26 33.92 -8.23
N GLY A 951 37.56 33.11 -7.23
CA GLY A 951 37.71 33.59 -5.86
C GLY A 951 36.42 33.72 -5.06
N LEU A 952 35.28 33.56 -5.71
CA LEU A 952 34.02 33.88 -5.08
C LEU A 952 33.28 32.59 -4.78
N ASP A 953 32.36 32.64 -3.82
CA ASP A 953 31.68 31.44 -3.34
C ASP A 953 30.55 30.98 -4.22
N TRP A 954 29.69 31.90 -4.63
CA TRP A 954 28.48 31.54 -5.37
C TRP A 954 28.49 31.98 -6.84
N GLY A 955 27.76 31.25 -7.67
CA GLY A 955 27.76 31.53 -9.09
C GLY A 955 26.45 31.28 -9.81
N VAL A 956 26.36 31.80 -11.02
CA VAL A 956 25.18 31.60 -11.86
C VAL A 956 25.57 31.21 -13.28
N LEU A 957 24.84 30.25 -13.84
CA LEU A 957 25.02 29.79 -15.21
C LEU A 957 23.72 29.93 -15.96
N PHE A 958 23.76 30.66 -17.07
CA PHE A 958 22.57 30.87 -17.88
C PHE A 958 22.70 30.21 -19.24
N GLY A 959 21.70 29.44 -19.66
CA GLY A 959 21.46 29.21 -21.08
C GLY A 959 20.34 30.06 -21.64
N PHE A 960 20.45 30.42 -22.91
CA PHE A 960 19.39 31.18 -23.59
C PHE A 960 19.07 30.49 -24.90
N GLY A 961 17.78 30.31 -25.18
CA GLY A 961 17.34 29.52 -26.33
C GLY A 961 16.07 29.99 -27.00
N PRO A 962 15.80 29.41 -28.17
CA PRO A 962 14.62 29.76 -28.96
C PRO A 962 13.36 29.43 -28.18
N GLY A 963 12.33 30.27 -28.31
CA GLY A 963 11.13 30.11 -27.51
C GLY A 963 11.44 30.81 -26.21
N LEU A 964 12.62 31.42 -26.18
CA LEU A 964 13.12 32.19 -25.05
C LEU A 964 13.00 31.36 -23.79
N THR A 965 13.35 30.08 -23.89
CA THR A 965 13.47 29.27 -22.69
C THR A 965 14.80 29.70 -22.07
N ILE A 966 14.79 29.98 -20.78
CA ILE A 966 16.00 30.43 -20.10
C ILE A 966 16.38 29.44 -19.01
N GLU A 967 17.64 29.03 -18.97
CA GLU A 967 18.04 28.04 -17.97
C GLU A 967 18.94 28.70 -16.93
N THR A 968 18.50 28.66 -15.67
CA THR A 968 19.22 29.28 -14.57
C THR A 968 19.74 28.22 -13.61
N VAL A 969 21.05 27.99 -13.64
CA VAL A 969 21.68 27.09 -12.69
C VAL A 969 22.50 27.84 -11.64
N VAL A 970 22.28 27.52 -10.37
CA VAL A 970 23.09 28.07 -9.29
C VAL A 970 24.29 27.16 -8.95
N LEU A 971 25.47 27.76 -8.87
CA LEU A 971 26.67 26.98 -8.63
C LEU A 971 27.34 27.40 -7.34
N HIS A 972 28.04 26.47 -6.70
CA HIS A 972 28.89 26.82 -5.57
C HIS A 972 30.32 26.50 -5.99
N SER A 973 31.21 27.45 -5.78
CA SER A 973 32.59 27.25 -6.16
C SER A 973 33.15 26.24 -5.20
N ILE A 974 34.44 25.94 -5.36
CA ILE A 974 35.08 25.05 -4.44
C ILE A 974 36.41 25.64 -4.04
N PRO A 975 36.73 25.58 -2.73
CA PRO A 975 37.93 26.17 -2.16
C PRO A 975 39.17 25.47 -2.69
N MET A 976 40.21 26.24 -3.02
CA MET A 976 41.46 25.64 -3.48
C MET A 976 42.57 25.84 -2.47
N VAL A 977 43.42 24.83 -2.36
CA VAL A 977 44.33 24.69 -1.22
C VAL A 977 45.36 25.81 -1.01
N THR A 978 45.51 26.69 -2.00
CA THR A 978 46.54 27.76 -2.01
C THR A 978 47.19 28.10 -0.65
#